data_4MI1
#
_entry.id   4MI1
#
_cell.length_a   117.894
_cell.length_b   117.894
_cell.length_c   55.984
_cell.angle_alpha   90.00
_cell.angle_beta   90.00
_cell.angle_gamma   90.00
#
_symmetry.space_group_name_H-M   'P 43'
#
loop_
_entity.id
_entity.type
_entity.pdbx_description
1 polymer 'Microcin immunity protein MccF'
2 non-polymer "5'-O-(L-alpha-aspartylsulfamoyl)adenosine"
3 non-polymer 'SULFATE ION'
4 water water
#
_entity_poly.entity_id   1
_entity_poly.type   'polypeptide(L)'
_entity_poly.pdbx_seq_one_letter_code
;SNA(MSE)PLPKSLKYGDTIGIYSPSSPVTYTSPKRFERAKSYLLQKGFHILEGSLTGRYDYYRSGSIQERAKELNALIR
NPNVSCI(MSE)STIGG(MSE)NSNSLLPYIDYDAFQNNPKI(MSE)IGYADATALLLGIYAKTGIPTFYGPALVPSFGE
FEPFVDDTYKYFLETLLHDQALPYNIKQPLFWSDEFINWEEKTKEKELRPNNWISVTNGQATGRVIGGNLNTIQGIWGSP
Y(MSE)PCIQEGDILFIEDSSKDAATIERSFSFLKINGVFDKVSGIILGKHEQFDDCGTNRKPYEILLEVLQNQRIPLLA
DFDCCATHP(MSE)IT(MSE)PIGVQVK(MSE)DATNKTIHILEKWKI
;
_entity_poly.pdbx_strand_id   A,B
#
loop_
_chem_comp.id
_chem_comp.type
_chem_comp.name
_chem_comp.formula
DSZ non-polymer 5'-O-(L-alpha-aspartylsulfamoyl)adenosine 'C14 H19 N7 O9 S'
SO4 non-polymer 'SULFATE ION' 'O4 S -2'
#
# COMPACT_ATOMS: atom_id res chain seq x y z
N PRO A 5 -13.00 -16.24 25.31
CA PRO A 5 -11.57 -16.09 25.61
C PRO A 5 -11.13 -14.62 25.65
N LEU A 6 -10.69 -14.16 26.82
CA LEU A 6 -10.25 -12.77 26.98
C LEU A 6 -8.97 -12.72 27.80
N PRO A 7 -8.15 -11.69 27.59
CA PRO A 7 -6.92 -11.50 28.39
C PRO A 7 -7.24 -11.01 29.80
N LYS A 8 -6.42 -11.38 30.77
CA LYS A 8 -6.54 -10.81 32.11
C LYS A 8 -6.15 -9.33 32.13
N SER A 9 -6.86 -8.56 32.94
CA SER A 9 -6.51 -7.17 33.17
C SER A 9 -5.08 -7.05 33.64
N LEU A 10 -4.43 -5.97 33.26
CA LEU A 10 -3.12 -5.61 33.76
C LEU A 10 -3.22 -5.31 35.25
N LYS A 11 -2.16 -5.64 35.98
CA LYS A 11 -2.03 -5.33 37.40
C LYS A 11 -0.68 -4.71 37.67
N TYR A 12 -0.61 -3.81 38.67
CA TYR A 12 0.68 -3.32 39.10
C TYR A 12 1.55 -4.50 39.55
N GLY A 13 2.80 -4.46 39.14
CA GLY A 13 3.74 -5.54 39.41
C GLY A 13 3.82 -6.53 38.26
N ASP A 14 2.96 -6.40 37.25
CA ASP A 14 3.03 -7.27 36.08
C ASP A 14 4.25 -6.94 35.26
N THR A 15 4.61 -7.87 34.39
CA THR A 15 5.65 -7.66 33.39
C THR A 15 5.08 -7.39 32.00
N ILE A 16 5.55 -6.32 31.38
CA ILE A 16 5.25 -5.95 30.01
C ILE A 16 6.44 -6.39 29.17
N GLY A 17 6.21 -7.27 28.21
CA GLY A 17 7.26 -7.69 27.30
C GLY A 17 7.23 -6.80 26.08
N ILE A 18 8.41 -6.37 25.65
CA ILE A 18 8.53 -5.47 24.53
C ILE A 18 9.31 -6.17 23.41
N TYR A 19 8.89 -5.88 22.17
CA TYR A 19 9.51 -6.48 20.99
C TYR A 19 9.55 -5.43 19.89
N SER A 20 10.40 -5.66 18.89
CA SER A 20 10.62 -4.70 17.81
C SER A 20 10.35 -5.38 16.49
N PRO A 21 9.09 -5.38 16.04
CA PRO A 21 8.75 -6.12 14.82
C PRO A 21 9.15 -5.44 13.53
N SER A 22 9.63 -4.20 13.63
CA SER A 22 10.01 -3.44 12.46
C SER A 22 11.20 -2.55 12.77
N SER A 23 11.00 -1.24 12.92
CA SER A 23 12.15 -0.32 13.03
C SER A 23 12.97 -0.58 14.31
N PRO A 24 14.31 -0.44 14.23
CA PRO A 24 15.17 -0.73 15.39
C PRO A 24 15.33 0.46 16.35
N VAL A 25 14.20 0.95 16.85
CA VAL A 25 14.18 2.18 17.64
C VAL A 25 15.00 2.09 18.91
N THR A 26 15.11 0.90 19.49
CA THR A 26 15.87 0.78 20.74
C THR A 26 17.35 1.02 20.51
N TYR A 27 17.81 0.90 19.28
CA TYR A 27 19.16 1.27 18.91
C TYR A 27 19.27 2.73 18.47
N THR A 28 18.30 3.20 17.69
CA THR A 28 18.45 4.51 17.05
C THR A 28 17.96 5.68 17.90
N SER A 29 17.06 5.41 18.84
CA SER A 29 16.57 6.43 19.79
C SER A 29 16.71 5.98 21.23
N PRO A 30 17.95 5.80 21.69
CA PRO A 30 18.17 5.22 23.00
C PRO A 30 17.68 6.09 24.17
N LYS A 31 17.69 7.41 24.03
CA LYS A 31 17.28 8.26 25.15
C LYS A 31 15.77 8.13 25.36
N ARG A 32 15.01 8.19 24.27
CA ARG A 32 13.57 8.08 24.38
C ARG A 32 13.18 6.68 24.86
N PHE A 33 13.91 5.67 24.41
CA PHE A 33 13.70 4.30 24.88
C PHE A 33 13.91 4.16 26.39
N GLU A 34 15.04 4.65 26.88
CA GLU A 34 15.31 4.58 28.31
C GLU A 34 14.29 5.37 29.12
N ARG A 35 13.87 6.53 28.62
CA ARG A 35 12.87 7.33 29.31
C ARG A 35 11.55 6.61 29.40
N ALA A 36 11.17 5.97 28.30
CA ALA A 36 9.92 5.23 28.27
C ALA A 36 9.90 4.06 29.28
N LYS A 37 10.99 3.29 29.30
CA LYS A 37 11.09 2.21 30.28
C LYS A 37 11.00 2.76 31.69
N SER A 38 11.75 3.82 31.97
CA SER A 38 11.74 4.39 33.32
C SER A 38 10.35 4.84 33.71
N TYR A 39 9.61 5.41 32.76
CA TYR A 39 8.28 5.93 33.04
C TYR A 39 7.43 4.78 33.58
N LEU A 40 7.42 3.66 32.86
CA LEU A 40 6.58 2.55 33.25
C LEU A 40 7.11 1.80 34.47
N LEU A 41 8.41 1.72 34.63
CA LEU A 41 8.96 1.13 35.83
C LEU A 41 8.51 1.90 37.07
N GLN A 42 8.52 3.22 36.98
CA GLN A 42 8.12 4.06 38.10
C GLN A 42 6.63 3.88 38.40
N LYS A 43 5.82 3.67 37.36
CA LYS A 43 4.40 3.43 37.58
C LYS A 43 4.17 2.11 38.27
N GLY A 44 5.09 1.16 38.12
CA GLY A 44 4.98 -0.12 38.81
C GLY A 44 4.92 -1.34 37.92
N PHE A 45 5.41 -1.25 36.69
CA PHE A 45 5.45 -2.39 35.77
C PHE A 45 6.87 -2.75 35.38
N HIS A 46 7.16 -4.04 35.36
CA HIS A 46 8.46 -4.51 34.95
C HIS A 46 8.46 -4.57 33.44
N ILE A 47 9.65 -4.45 32.86
CA ILE A 47 9.80 -4.53 31.42
CA ILE A 47 9.82 -4.50 31.42
C ILE A 47 10.73 -5.68 31.10
N LEU A 48 10.24 -6.60 30.29
CA LEU A 48 11.06 -7.68 29.79
C LEU A 48 11.45 -7.33 28.38
N GLU A 49 12.74 -7.10 28.15
CA GLU A 49 13.24 -6.68 26.85
C GLU A 49 13.39 -7.87 25.93
N GLY A 50 12.69 -7.83 24.80
CA GLY A 50 12.78 -8.89 23.81
C GLY A 50 14.20 -9.04 23.28
N SER A 51 14.45 -10.18 22.67
CA SER A 51 15.78 -10.58 22.20
C SER A 51 16.40 -9.68 21.12
N LEU A 52 15.63 -8.81 20.47
CA LEU A 52 16.23 -7.92 19.47
C LEU A 52 16.45 -6.51 20.02
N THR A 53 16.23 -6.33 21.31
CA THR A 53 16.44 -5.02 21.90
C THR A 53 17.91 -4.65 21.77
N GLY A 54 18.18 -3.44 21.29
CA GLY A 54 19.54 -2.98 21.07
C GLY A 54 20.20 -3.41 19.78
N ARG A 55 19.52 -4.23 18.98
CA ARG A 55 20.08 -4.72 17.74
C ARG A 55 19.74 -3.77 16.59
N TYR A 56 20.50 -3.87 15.50
CA TYR A 56 20.33 -2.97 14.37
C TYR A 56 20.52 -3.72 13.08
N ASP A 57 19.50 -3.68 12.22
CA ASP A 57 19.63 -4.15 10.85
C ASP A 57 19.06 -3.10 9.90
N TYR A 58 19.55 -1.88 10.06
CA TYR A 58 19.28 -0.78 9.13
C TYR A 58 17.84 -0.32 9.25
N TYR A 59 16.96 -0.72 8.33
CA TYR A 59 15.55 -0.34 8.43
C TYR A 59 14.74 -1.20 9.37
N ARG A 60 15.35 -2.29 9.88
CA ARG A 60 14.63 -3.22 10.72
C ARG A 60 15.54 -3.68 11.87
N SER A 61 14.92 -4.35 12.83
CA SER A 61 15.61 -4.88 14.00
C SER A 61 16.40 -6.16 13.69
N GLY A 62 15.97 -6.91 12.69
CA GLY A 62 16.58 -8.19 12.36
C GLY A 62 15.81 -8.94 11.29
N SER A 63 16.28 -10.14 11.00
CA SER A 63 15.67 -11.00 9.99
C SER A 63 14.22 -11.31 10.34
N ILE A 64 13.46 -11.78 9.34
CA ILE A 64 12.08 -12.23 9.57
C ILE A 64 12.06 -13.31 10.65
N GLN A 65 12.93 -14.30 10.54
CA GLN A 65 12.91 -15.37 11.52
C GLN A 65 13.22 -14.86 12.92
N GLU A 66 14.19 -13.98 13.06
CA GLU A 66 14.57 -13.50 14.39
C GLU A 66 13.46 -12.66 14.99
N ARG A 67 12.77 -11.87 14.19
CA ARG A 67 11.65 -11.07 14.72
C ARG A 67 10.50 -11.93 15.16
N ALA A 68 10.21 -12.99 14.41
CA ALA A 68 9.15 -13.90 14.83
C ALA A 68 9.54 -14.58 16.14
N LYS A 69 10.80 -15.00 16.24
CA LYS A 69 11.28 -15.64 17.47
C LYS A 69 11.19 -14.69 18.65
N GLU A 70 11.49 -13.42 18.46
CA GLU A 70 11.45 -12.46 19.54
C GLU A 70 10.03 -12.37 20.10
N LEU A 71 9.06 -12.23 19.23
CA LEU A 71 7.67 -12.11 19.65
C LEU A 71 7.16 -13.42 20.24
N ASN A 72 7.49 -14.54 19.60
CA ASN A 72 7.00 -15.82 20.09
C ASN A 72 7.50 -16.13 21.50
N ALA A 73 8.73 -15.71 21.82
CA ALA A 73 9.24 -15.94 23.16
C ALA A 73 8.39 -15.24 24.19
N LEU A 74 7.88 -14.07 23.86
CA LEU A 74 7.02 -13.34 24.78
C LEU A 74 5.62 -13.98 24.86
N ILE A 75 5.07 -14.38 23.73
CA ILE A 75 3.78 -15.07 23.69
C ILE A 75 3.79 -16.30 24.59
N ARG A 76 4.89 -17.04 24.55
CA ARG A 76 4.99 -18.30 25.29
C ARG A 76 5.41 -18.16 26.74
N ASN A 77 5.70 -16.95 27.17
CA ASN A 77 6.24 -16.70 28.51
C ASN A 77 5.08 -16.44 29.46
N PRO A 78 4.82 -17.36 30.40
CA PRO A 78 3.66 -17.18 31.29
C PRO A 78 3.81 -16.02 32.25
N ASN A 79 5.02 -15.47 32.40
CA ASN A 79 5.23 -14.34 33.28
C ASN A 79 4.89 -13.00 32.67
N VAL A 80 4.59 -12.98 31.38
CA VAL A 80 4.32 -11.75 30.64
C VAL A 80 2.80 -11.58 30.54
N SER A 81 2.28 -10.45 30.97
CA SER A 81 0.84 -10.18 30.97
CA SER A 81 0.82 -10.24 30.92
C SER A 81 0.40 -9.30 29.79
N CYS A 82 1.37 -8.60 29.22
CA CYS A 82 1.11 -7.59 28.20
C CYS A 82 2.31 -7.60 27.25
N ILE A 83 2.03 -7.60 25.96
CA ILE A 83 3.06 -7.58 24.94
C ILE A 83 2.87 -6.30 24.11
N MSE A 84 3.90 -5.47 24.09
CA MSE A 84 3.83 -4.13 23.55
C MSE A 84 4.96 -3.90 22.54
O MSE A 84 6.12 -4.19 22.83
CB MSE A 84 3.94 -3.13 24.71
CG MSE A 84 4.00 -1.65 24.30
SE MSE A 84 4.29 -0.46 25.81
CE MSE A 84 2.62 -0.72 26.75
N SER A 85 4.61 -3.40 21.34
CA SER A 85 5.64 -3.08 20.36
C SER A 85 6.46 -1.90 20.85
N THR A 86 7.75 -1.87 20.52
CA THR A 86 8.57 -0.70 20.82
C THR A 86 8.23 0.49 19.91
N ILE A 87 7.89 0.20 18.66
CA ILE A 87 7.53 1.15 17.62
C ILE A 87 7.08 0.32 16.43
N GLY A 88 6.52 0.98 15.43
CA GLY A 88 6.18 0.35 14.18
C GLY A 88 7.28 0.49 13.14
N GLY A 89 6.89 0.95 11.95
CA GLY A 89 7.77 1.00 10.80
C GLY A 89 7.01 0.57 9.57
N MSE A 90 7.35 -0.57 9.01
N MSE A 90 7.36 -0.56 8.97
CA MSE A 90 6.73 -1.06 7.77
CA MSE A 90 6.69 -1.05 7.78
C MSE A 90 6.58 -2.57 7.71
C MSE A 90 6.60 -2.56 7.68
O MSE A 90 5.84 -3.07 6.86
O MSE A 90 5.91 -3.08 6.81
CB MSE A 90 7.60 -0.70 6.57
CB MSE A 90 7.42 -0.57 6.51
CG MSE A 90 7.64 0.76 6.23
CG MSE A 90 7.55 0.93 6.34
SE MSE A 90 5.90 1.40 5.61
SE MSE A 90 7.66 1.48 4.47
CE MSE A 90 5.94 0.97 3.70
CE MSE A 90 5.83 1.03 3.94
N ASN A 91 7.30 -3.29 8.56
CA ASN A 91 7.56 -4.70 8.31
C ASN A 91 7.03 -5.72 9.28
N SER A 92 6.10 -5.34 10.13
CA SER A 92 5.46 -6.30 10.99
C SER A 92 4.74 -7.42 10.23
N ASN A 93 4.16 -7.13 9.06
CA ASN A 93 3.43 -8.16 8.35
C ASN A 93 4.31 -9.36 7.97
N SER A 94 5.64 -9.18 7.90
CA SER A 94 6.53 -10.29 7.57
C SER A 94 6.45 -11.42 8.59
N LEU A 95 6.10 -11.08 9.83
CA LEU A 95 6.11 -12.07 10.91
C LEU A 95 4.93 -13.03 10.86
N LEU A 96 3.85 -12.62 10.19
CA LEU A 96 2.55 -13.28 10.37
C LEU A 96 2.53 -14.79 10.13
N PRO A 97 3.26 -15.31 9.13
CA PRO A 97 3.20 -16.77 8.95
C PRO A 97 3.81 -17.56 10.10
N TYR A 98 4.60 -16.90 10.95
CA TYR A 98 5.53 -17.57 11.86
C TYR A 98 5.14 -17.43 13.33
N ILE A 99 4.03 -16.73 13.60
CA ILE A 99 3.62 -16.48 14.98
C ILE A 99 2.90 -17.69 15.57
N ASP A 100 3.15 -17.91 16.86
CA ASP A 100 2.57 -19.04 17.56
C ASP A 100 1.15 -18.64 18.04
N TYR A 101 0.19 -18.66 17.11
CA TYR A 101 -1.17 -18.28 17.44
C TYR A 101 -1.78 -19.25 18.46
N ASP A 102 -1.45 -20.54 18.38
CA ASP A 102 -2.02 -21.51 19.29
C ASP A 102 -1.59 -21.21 20.71
N ALA A 103 -0.32 -20.83 20.90
CA ALA A 103 0.14 -20.49 22.25
C ALA A 103 -0.58 -19.27 22.79
N PHE A 104 -0.84 -18.30 21.92
CA PHE A 104 -1.55 -17.11 22.33
C PHE A 104 -3.00 -17.46 22.71
N GLN A 105 -3.65 -18.23 21.86
CA GLN A 105 -5.03 -18.61 22.12
C GLN A 105 -5.16 -19.42 23.42
N ASN A 106 -4.18 -20.26 23.72
CA ASN A 106 -4.23 -21.05 24.95
C ASN A 106 -3.97 -20.26 26.21
N ASN A 107 -3.27 -19.12 26.10
CA ASN A 107 -2.99 -18.28 27.25
C ASN A 107 -3.03 -16.83 26.80
N PRO A 108 -4.24 -16.29 26.65
CA PRO A 108 -4.41 -14.94 26.11
C PRO A 108 -3.70 -13.90 26.97
N LYS A 109 -3.10 -12.94 26.30
CA LYS A 109 -2.48 -11.79 26.97
C LYS A 109 -2.94 -10.53 26.26
N ILE A 110 -2.63 -9.39 26.84
CA ILE A 110 -2.88 -8.10 26.20
C ILE A 110 -1.82 -7.87 25.13
N MSE A 111 -2.26 -7.63 23.91
CA MSE A 111 -1.41 -7.32 22.77
C MSE A 111 -1.76 -5.89 22.39
O MSE A 111 -2.91 -5.61 22.06
CB MSE A 111 -1.74 -8.30 21.65
CG MSE A 111 -0.86 -8.17 20.45
SE MSE A 111 0.90 -8.95 20.75
CE MSE A 111 1.53 -8.80 18.92
N ILE A 112 -0.77 -4.99 22.47
CA ILE A 112 -0.98 -3.56 22.27
C ILE A 112 0.11 -2.92 21.42
N GLY A 113 -0.32 -1.96 20.62
CA GLY A 113 0.57 -1.12 19.83
C GLY A 113 -0.23 -0.38 18.79
N TYR A 114 0.44 0.27 17.84
CA TYR A 114 -0.29 0.99 16.80
C TYR A 114 0.53 1.10 15.53
N ALA A 115 0.00 1.80 14.54
CA ALA A 115 0.70 2.05 13.30
C ALA A 115 1.03 0.70 12.61
N ASP A 116 2.26 0.45 12.22
CA ASP A 116 2.59 -0.82 11.55
C ASP A 116 2.23 -2.06 12.38
N ALA A 117 2.19 -1.92 13.70
CA ALA A 117 1.80 -3.07 14.52
C ALA A 117 0.36 -3.53 14.30
N THR A 118 -0.45 -2.71 13.63
CA THR A 118 -1.77 -3.12 13.16
C THR A 118 -1.74 -4.52 12.51
N ALA A 119 -0.71 -4.81 11.73
CA ALA A 119 -0.64 -6.09 11.06
C ALA A 119 -0.77 -7.24 12.07
N LEU A 120 -0.09 -7.09 13.19
CA LEU A 120 -0.08 -8.13 14.23
C LEU A 120 -1.32 -8.09 15.12
N LEU A 121 -1.81 -6.91 15.43
CA LEU A 121 -3.02 -6.78 16.23
C LEU A 121 -4.19 -7.43 15.50
N LEU A 122 -4.33 -7.13 14.21
CA LEU A 122 -5.40 -7.71 13.42
C LEU A 122 -5.13 -9.18 13.12
N GLY A 123 -3.88 -9.57 12.89
CA GLY A 123 -3.58 -10.97 12.61
C GLY A 123 -3.90 -11.87 13.81
N ILE A 124 -3.53 -11.43 14.99
CA ILE A 124 -3.82 -12.21 16.19
C ILE A 124 -5.31 -12.31 16.42
N TYR A 125 -6.03 -11.20 16.27
CA TYR A 125 -7.48 -11.27 16.40
C TYR A 125 -8.10 -12.19 15.33
N ALA A 126 -7.65 -12.08 14.09
CA ALA A 126 -8.19 -12.88 13.01
C ALA A 126 -7.98 -14.38 13.25
N LYS A 127 -6.81 -14.74 13.79
CA LYS A 127 -6.46 -16.14 14.00
C LYS A 127 -7.00 -16.73 15.28
N THR A 128 -7.23 -15.90 16.31
CA THR A 128 -7.58 -16.43 17.64
C THR A 128 -8.93 -15.96 18.18
N GLY A 129 -9.45 -14.88 17.62
CA GLY A 129 -10.70 -14.30 18.12
C GLY A 129 -10.58 -13.50 19.41
N ILE A 130 -9.37 -13.34 19.92
CA ILE A 130 -9.11 -12.61 21.15
C ILE A 130 -8.95 -11.13 20.81
N PRO A 131 -9.66 -10.25 21.52
CA PRO A 131 -9.48 -8.82 21.27
C PRO A 131 -8.06 -8.36 21.46
N THR A 132 -7.63 -7.44 20.63
CA THR A 132 -6.32 -6.82 20.75
C THR A 132 -6.53 -5.30 20.86
N PHE A 133 -5.46 -4.55 21.10
CA PHE A 133 -5.60 -3.16 21.51
C PHE A 133 -4.80 -2.21 20.66
N TYR A 134 -5.51 -1.25 20.04
CA TYR A 134 -4.87 -0.19 19.32
C TYR A 134 -4.55 0.89 20.32
N GLY A 135 -3.28 1.07 20.60
CA GLY A 135 -2.86 1.89 21.73
C GLY A 135 -1.35 2.02 21.78
N PRO A 136 -0.83 2.46 22.92
CA PRO A 136 0.57 2.83 23.03
C PRO A 136 1.59 1.80 22.56
N ALA A 137 2.59 2.30 21.86
CA ALA A 137 3.82 1.58 21.63
C ALA A 137 4.86 2.20 22.56
N LEU A 138 5.83 1.41 23.03
CA LEU A 138 6.65 1.88 24.14
C LEU A 138 7.34 3.23 23.89
N VAL A 139 8.11 3.32 22.82
CA VAL A 139 8.98 4.46 22.63
C VAL A 139 8.23 5.73 22.21
N PRO A 140 7.42 5.70 21.12
CA PRO A 140 6.68 6.92 20.79
C PRO A 140 5.72 7.37 21.89
N SER A 141 5.03 6.43 22.53
CA SER A 141 3.93 6.79 23.44
C SER A 141 4.41 7.10 24.85
N PHE A 142 5.21 6.22 25.44
CA PHE A 142 5.65 6.40 26.80
C PHE A 142 7.00 7.09 26.96
N GLY A 143 7.69 7.32 25.84
CA GLY A 143 8.86 8.17 25.81
C GLY A 143 8.53 9.65 25.61
N GLU A 144 7.26 9.94 25.36
CA GLU A 144 6.80 11.31 25.24
C GLU A 144 7.05 12.08 26.54
N PHE A 145 7.47 13.34 26.43
CA PHE A 145 7.61 14.15 27.64
C PHE A 145 6.26 14.57 28.19
N GLU A 146 6.26 15.07 29.42
CA GLU A 146 5.08 15.75 29.95
C GLU A 146 4.77 16.93 29.02
N PRO A 147 3.48 17.30 28.89
CA PRO A 147 2.36 16.76 29.65
C PRO A 147 1.64 15.57 29.04
N PHE A 148 1.79 15.35 27.73
CA PHE A 148 0.89 14.43 27.05
C PHE A 148 1.06 12.98 27.45
N VAL A 149 2.25 12.58 27.87
CA VAL A 149 2.48 11.19 28.26
C VAL A 149 1.53 10.80 29.39
N ASP A 150 1.26 11.72 30.30
CA ASP A 150 0.43 11.41 31.45
C ASP A 150 -1.02 11.18 31.06
N ASP A 151 -1.49 11.83 29.99
CA ASP A 151 -2.85 11.64 29.45
CA ASP A 151 -2.86 11.53 29.58
C ASP A 151 -2.94 10.26 28.76
N THR A 152 -1.94 9.95 27.93
CA THR A 152 -1.87 8.64 27.28
C THR A 152 -1.89 7.56 28.34
N TYR A 153 -1.13 7.76 29.41
CA TYR A 153 -1.05 6.77 30.48
C TYR A 153 -2.41 6.59 31.18
N LYS A 154 -3.11 7.67 31.47
CA LYS A 154 -4.44 7.59 32.09
C LYS A 154 -5.38 6.73 31.22
N TYR A 155 -5.35 6.92 29.90
CA TYR A 155 -6.21 6.15 28.98
C TYR A 155 -5.80 4.66 28.96
N PHE A 156 -4.51 4.42 29.03
CA PHE A 156 -3.94 3.06 29.10
C PHE A 156 -4.46 2.33 30.32
N LEU A 157 -4.42 2.99 31.46
CA LEU A 157 -4.97 2.38 32.68
C LEU A 157 -6.45 2.17 32.59
N GLU A 158 -7.15 3.14 32.01
CA GLU A 158 -8.62 3.05 31.94
C GLU A 158 -9.09 1.80 31.17
N THR A 159 -8.40 1.48 30.09
CA THR A 159 -8.79 0.35 29.27
C THR A 159 -8.22 -0.99 29.79
N LEU A 160 -6.98 -0.98 30.28
CA LEU A 160 -6.30 -2.25 30.57
C LEU A 160 -6.25 -2.66 32.03
N LEU A 161 -6.35 -1.71 32.95
CA LEU A 161 -6.15 -2.02 34.37
C LEU A 161 -7.39 -1.79 35.20
N HIS A 162 -8.06 -0.66 35.03
CA HIS A 162 -9.25 -0.40 35.85
C HIS A 162 -10.37 -1.40 35.62
N ASP A 163 -11.11 -1.68 36.68
CA ASP A 163 -12.43 -2.26 36.54
C ASP A 163 -13.31 -1.29 35.77
N GLN A 164 -13.91 -1.75 34.69
CA GLN A 164 -14.81 -0.91 33.89
C GLN A 164 -16.18 -1.54 33.78
N ALA A 165 -17.19 -0.85 34.30
CA ALA A 165 -18.57 -1.27 34.10
C ALA A 165 -19.00 -0.89 32.69
N LEU A 166 -19.72 -1.79 32.03
CA LEU A 166 -20.17 -1.54 30.66
C LEU A 166 -21.48 -0.76 30.69
N PRO A 167 -21.68 0.13 29.71
CA PRO A 167 -20.82 0.48 28.58
C PRO A 167 -19.70 1.35 29.04
N TYR A 168 -18.58 1.27 28.34
CA TYR A 168 -17.39 1.99 28.69
C TYR A 168 -17.25 3.19 27.76
N ASN A 169 -17.35 4.37 28.36
CA ASN A 169 -17.40 5.62 27.63
C ASN A 169 -15.98 6.08 27.35
N ILE A 170 -15.66 6.27 26.08
CA ILE A 170 -14.33 6.74 25.68
C ILE A 170 -14.40 8.25 25.53
N LYS A 171 -13.70 8.96 26.40
CA LYS A 171 -13.84 10.41 26.47
C LYS A 171 -12.76 11.18 25.70
N GLN A 172 -13.15 12.32 25.15
CA GLN A 172 -12.26 13.13 24.32
C GLN A 172 -11.23 13.89 25.18
N PRO A 173 -9.93 13.87 24.82
CA PRO A 173 -8.96 14.66 25.62
C PRO A 173 -9.14 16.15 25.38
N LEU A 174 -8.74 16.97 26.34
CA LEU A 174 -8.97 18.42 26.22
C LEU A 174 -8.05 19.06 25.19
N PHE A 175 -6.83 18.57 25.12
CA PHE A 175 -5.82 19.12 24.23
C PHE A 175 -5.04 18.02 23.53
N TRP A 176 -4.43 18.37 22.41
CA TRP A 176 -3.62 17.43 21.68
C TRP A 176 -2.46 18.14 21.01
N SER A 177 -1.56 17.35 20.44
CA SER A 177 -0.48 17.90 19.64
C SER A 177 0.04 16.87 18.66
N ASP A 178 0.54 17.32 17.52
CA ASP A 178 1.26 16.45 16.60
C ASP A 178 2.63 17.04 16.26
N GLU A 179 3.10 17.96 17.10
CA GLU A 179 4.29 18.75 16.81
C GLU A 179 5.51 17.85 16.70
N PHE A 180 6.34 18.14 15.72
CA PHE A 180 7.52 17.36 15.44
C PHE A 180 8.75 17.90 16.18
N ILE A 181 8.71 17.79 17.50
CA ILE A 181 9.78 18.24 18.37
C ILE A 181 9.89 17.29 19.56
N ASN A 182 10.91 17.49 20.37
CA ASN A 182 11.07 16.77 21.65
C ASN A 182 11.07 15.23 21.49
N TRP A 183 11.78 14.73 20.48
CA TRP A 183 11.86 13.28 20.28
C TRP A 183 12.83 12.64 21.29
N GLU A 184 14.14 12.87 21.11
CA GLU A 184 15.13 12.39 22.07
C GLU A 184 15.27 13.33 23.29
N GLU A 185 15.33 14.62 23.02
CA GLU A 185 15.56 15.61 24.06
C GLU A 185 14.51 16.70 23.97
N LYS A 186 14.14 17.27 25.12
CA LYS A 186 13.12 18.30 25.14
C LYS A 186 13.76 19.65 24.95
N THR A 187 13.30 20.39 23.95
CA THR A 187 13.79 21.75 23.70
C THR A 187 12.81 22.87 24.07
N LYS A 188 11.51 22.59 24.12
CA LYS A 188 10.51 23.58 24.54
C LYS A 188 9.19 22.84 24.78
N GLU A 189 8.12 23.55 25.17
CA GLU A 189 6.82 22.89 25.35
C GLU A 189 6.12 22.73 23.99
N LYS A 190 5.45 21.60 23.79
CA LYS A 190 4.57 21.46 22.65
C LYS A 190 3.36 22.34 22.83
N GLU A 191 2.85 22.88 21.73
CA GLU A 191 1.65 23.67 21.83
C GLU A 191 0.49 22.75 22.21
N LEU A 192 -0.39 23.31 23.03
CA LEU A 192 -1.64 22.66 23.36
C LEU A 192 -2.68 23.10 22.34
N ARG A 193 -3.17 22.15 21.57
CA ARG A 193 -4.22 22.43 20.60
C ARG A 193 -5.56 22.05 21.22
N PRO A 194 -6.51 23.00 21.26
CA PRO A 194 -7.79 22.64 21.84
C PRO A 194 -8.46 21.62 20.95
N ASN A 195 -9.11 20.65 21.59
CA ASN A 195 -9.60 19.48 20.87
C ASN A 195 -11.06 19.60 20.43
N ASN A 196 -11.37 18.87 19.38
CA ASN A 196 -12.72 18.74 18.88
C ASN A 196 -12.78 17.44 18.10
N TRP A 197 -13.78 16.61 18.37
CA TRP A 197 -14.12 15.53 17.47
C TRP A 197 -15.11 16.11 16.48
N ILE A 198 -15.03 15.68 15.23
CA ILE A 198 -15.75 16.34 14.15
C ILE A 198 -16.96 15.52 13.74
N SER A 199 -18.14 16.11 13.86
CA SER A 199 -19.35 15.49 13.37
CA SER A 199 -19.36 15.48 13.37
C SER A 199 -19.45 15.68 11.86
N VAL A 200 -18.81 14.79 11.10
CA VAL A 200 -18.78 14.96 9.66
C VAL A 200 -20.12 14.60 9.03
N THR A 201 -20.63 13.42 9.38
CA THR A 201 -21.93 12.97 8.91
C THR A 201 -22.69 12.45 10.10
N ASN A 202 -23.88 13.01 10.34
CA ASN A 202 -24.61 12.71 11.56
C ASN A 202 -25.11 11.29 11.56
N GLY A 203 -25.42 10.79 12.75
CA GLY A 203 -26.05 9.48 12.88
C GLY A 203 -25.40 8.64 13.96
N GLN A 204 -25.97 7.44 14.15
CA GLN A 204 -25.47 6.50 15.14
C GLN A 204 -25.28 5.14 14.50
N ALA A 205 -24.38 4.34 15.06
CA ALA A 205 -24.18 2.98 14.59
C ALA A 205 -23.67 2.12 15.72
N THR A 206 -24.03 0.85 15.68
CA THR A 206 -23.52 -0.12 16.63
C THR A 206 -23.01 -1.32 15.87
N GLY A 207 -21.88 -1.86 16.30
CA GLY A 207 -21.32 -3.04 15.69
C GLY A 207 -19.92 -3.29 16.20
N ARG A 208 -19.39 -4.44 15.80
CA ARG A 208 -18.04 -4.82 16.11
C ARG A 208 -17.11 -3.83 15.45
N VAL A 209 -16.16 -3.31 16.23
CA VAL A 209 -15.18 -2.39 15.65
C VAL A 209 -13.98 -3.14 15.08
N ILE A 210 -13.59 -2.78 13.86
CA ILE A 210 -12.46 -3.40 13.18
C ILE A 210 -11.68 -2.30 12.51
N GLY A 211 -10.36 -2.37 12.62
CA GLY A 211 -9.49 -1.48 11.89
C GLY A 211 -8.18 -1.22 12.59
N GLY A 212 -7.65 -0.02 12.35
CA GLY A 212 -6.36 0.39 12.84
C GLY A 212 -5.74 1.30 11.81
N ASN A 213 -4.44 1.14 11.57
CA ASN A 213 -3.71 1.97 10.62
C ASN A 213 -4.07 1.52 9.20
N LEU A 214 -4.67 2.41 8.41
CA LEU A 214 -5.18 2.01 7.11
C LEU A 214 -4.08 1.65 6.11
N ASN A 215 -3.01 2.44 6.07
CA ASN A 215 -1.89 2.14 5.20
C ASN A 215 -1.39 0.72 5.47
N THR A 216 -1.33 0.36 6.76
CA THR A 216 -0.83 -0.95 7.15
C THR A 216 -1.80 -2.07 6.78
N ILE A 217 -3.09 -1.80 6.89
CA ILE A 217 -4.13 -2.77 6.49
C ILE A 217 -3.92 -3.22 5.04
N GLN A 218 -3.45 -2.31 4.18
CA GLN A 218 -3.25 -2.67 2.78
C GLN A 218 -2.12 -3.70 2.60
N GLY A 219 -1.28 -3.87 3.61
CA GLY A 219 -0.25 -4.88 3.57
C GLY A 219 -0.69 -6.24 4.06
N ILE A 220 -1.90 -6.36 4.60
CA ILE A 220 -2.44 -7.66 5.05
C ILE A 220 -3.78 -8.02 4.43
N TRP A 221 -4.35 -7.11 3.65
CA TRP A 221 -5.68 -7.32 3.11
C TRP A 221 -5.76 -8.57 2.26
N GLY A 222 -6.86 -9.31 2.39
CA GLY A 222 -7.10 -10.51 1.61
C GLY A 222 -6.53 -11.79 2.19
N SER A 223 -5.67 -11.65 3.20
CA SER A 223 -4.93 -12.76 3.75
C SER A 223 -5.71 -13.37 4.91
N PRO A 224 -5.26 -14.53 5.41
CA PRO A 224 -5.89 -15.10 6.61
C PRO A 224 -5.71 -14.26 7.87
N TYR A 225 -4.87 -13.24 7.81
CA TYR A 225 -4.55 -12.39 8.96
C TYR A 225 -5.41 -11.13 9.01
N MSE A 226 -6.22 -10.90 7.99
CA MSE A 226 -7.15 -9.77 7.98
C MSE A 226 -8.54 -10.29 8.35
O MSE A 226 -9.09 -11.12 7.65
CB MSE A 226 -7.17 -9.09 6.61
CG MSE A 226 -8.14 -7.94 6.54
SE MSE A 226 -7.58 -6.46 7.63
CE MSE A 226 -9.30 -5.66 8.01
N PRO A 227 -9.10 -9.83 9.48
CA PRO A 227 -10.43 -10.27 9.82
C PRO A 227 -11.42 -9.79 8.77
N CYS A 228 -12.37 -10.67 8.43
CA CYS A 228 -13.36 -10.31 7.44
CA CYS A 228 -13.39 -10.33 7.46
C CYS A 228 -14.26 -9.21 7.98
N ILE A 229 -14.47 -8.17 7.19
CA ILE A 229 -15.37 -7.10 7.60
C ILE A 229 -16.77 -7.55 7.27
N GLN A 230 -17.67 -7.44 8.25
CA GLN A 230 -19.03 -7.95 8.14
C GLN A 230 -20.03 -6.83 8.08
N GLU A 231 -21.18 -7.11 7.46
CA GLU A 231 -22.27 -6.14 7.47
C GLU A 231 -22.57 -5.72 8.91
N GLY A 232 -22.63 -4.41 9.14
CA GLY A 232 -22.95 -3.88 10.45
C GLY A 232 -21.73 -3.54 11.32
N ASP A 233 -20.52 -3.94 10.92
CA ASP A 233 -19.30 -3.57 11.65
C ASP A 233 -19.12 -2.05 11.63
N ILE A 234 -18.37 -1.56 12.61
CA ILE A 234 -17.91 -0.18 12.64
C ILE A 234 -16.45 -0.16 12.20
N LEU A 235 -16.12 0.67 11.21
CA LEU A 235 -14.77 0.85 10.72
C LEU A 235 -14.03 1.92 11.49
N PHE A 236 -12.89 1.55 12.07
CA PHE A 236 -11.97 2.50 12.69
C PHE A 236 -10.72 2.54 11.86
N ILE A 237 -10.39 3.70 11.33
CA ILE A 237 -9.21 3.88 10.50
C ILE A 237 -8.45 5.15 10.87
N GLU A 238 -7.13 5.07 10.81
CA GLU A 238 -6.31 6.27 10.87
C GLU A 238 -5.10 6.11 9.97
N ASP A 239 -4.65 7.23 9.42
CA ASP A 239 -3.32 7.32 8.87
C ASP A 239 -2.57 8.48 9.49
N SER A 240 -1.25 8.42 9.38
CA SER A 240 -0.36 9.34 10.05
C SER A 240 0.78 9.70 9.10
N SER A 241 1.12 10.98 9.02
CA SER A 241 2.31 11.43 8.32
C SER A 241 2.31 11.03 6.84
N LYS A 242 1.14 11.09 6.23
CA LYS A 242 0.97 10.84 4.80
C LYS A 242 0.50 12.12 4.12
N ASP A 243 0.13 11.99 2.85
CA ASP A 243 -0.39 13.12 2.07
C ASP A 243 -1.74 12.84 1.43
N ALA A 244 -2.30 13.87 0.81
CA ALA A 244 -3.64 13.77 0.24
C ALA A 244 -3.72 12.66 -0.80
N ALA A 245 -2.68 12.55 -1.63
CA ALA A 245 -2.67 11.54 -2.67
C ALA A 245 -2.72 10.13 -2.08
N THR A 246 -1.92 9.89 -1.05
CA THR A 246 -1.85 8.57 -0.46
C THR A 246 -3.19 8.21 0.17
N ILE A 247 -3.78 9.12 0.94
CA ILE A 247 -5.02 8.75 1.60
C ILE A 247 -6.20 8.63 0.64
N GLU A 248 -6.21 9.38 -0.46
CA GLU A 248 -7.26 9.15 -1.45
C GLU A 248 -7.14 7.72 -1.98
N ARG A 249 -5.92 7.25 -2.25
N ARG A 249 -5.91 7.27 -2.26
CA ARG A 249 -5.75 5.89 -2.74
CA ARG A 249 -5.73 5.91 -2.73
C ARG A 249 -6.26 4.88 -1.70
C ARG A 249 -6.28 4.90 -1.70
N SER A 250 -5.95 5.12 -0.44
CA SER A 250 -6.41 4.23 0.63
C SER A 250 -7.93 4.25 0.83
N PHE A 251 -8.54 5.43 0.78
CA PHE A 251 -10.00 5.52 0.87
C PHE A 251 -10.67 4.83 -0.31
N SER A 252 -10.15 5.05 -1.54
CA SER A 252 -10.73 4.40 -2.70
C SER A 252 -10.51 2.88 -2.66
N PHE A 253 -9.40 2.44 -2.08
CA PHE A 253 -9.13 1.01 -1.85
C PHE A 253 -10.29 0.39 -1.02
N LEU A 254 -10.72 1.11 0.01
CA LEU A 254 -11.84 0.63 0.81
C LEU A 254 -13.13 0.63 -0.01
N LYS A 255 -13.36 1.71 -0.72
CA LYS A 255 -14.57 1.88 -1.53
C LYS A 255 -14.74 0.75 -2.55
N ILE A 256 -13.67 0.47 -3.32
CA ILE A 256 -13.77 -0.54 -4.38
C ILE A 256 -13.83 -1.95 -3.83
N ASN A 257 -13.42 -2.13 -2.58
CA ASN A 257 -13.56 -3.42 -1.88
C ASN A 257 -14.94 -3.61 -1.26
N GLY A 258 -15.84 -2.64 -1.43
CA GLY A 258 -17.18 -2.79 -0.90
C GLY A 258 -17.30 -2.56 0.61
N VAL A 259 -16.26 -2.03 1.24
CA VAL A 259 -16.26 -1.87 2.67
C VAL A 259 -17.38 -0.95 3.11
N PHE A 260 -17.65 0.10 2.32
CA PHE A 260 -18.65 1.10 2.70
C PHE A 260 -20.06 0.63 2.37
N ASP A 261 -20.18 -0.51 1.69
CA ASP A 261 -21.47 -1.18 1.54
C ASP A 261 -21.81 -2.06 2.73
N LYS A 262 -20.82 -2.32 3.58
CA LYS A 262 -20.98 -3.19 4.74
C LYS A 262 -21.02 -2.45 6.07
N VAL A 263 -20.10 -1.53 6.30
CA VAL A 263 -20.00 -0.93 7.63
C VAL A 263 -21.12 0.06 7.91
N SER A 264 -21.50 0.14 9.19
CA SER A 264 -22.61 0.97 9.61
CA SER A 264 -22.61 0.99 9.59
C SER A 264 -22.16 2.37 10.03
N GLY A 265 -20.85 2.53 10.24
CA GLY A 265 -20.31 3.78 10.70
C GLY A 265 -18.80 3.78 10.58
N ILE A 266 -18.21 4.98 10.58
CA ILE A 266 -16.76 5.16 10.43
C ILE A 266 -16.23 6.10 11.51
N ILE A 267 -15.16 5.67 12.18
CA ILE A 267 -14.41 6.52 13.09
C ILE A 267 -13.05 6.75 12.44
N LEU A 268 -12.72 8.02 12.17
CA LEU A 268 -11.48 8.39 11.50
C LEU A 268 -10.57 9.11 12.48
N GLY A 269 -9.35 8.61 12.64
CA GLY A 269 -8.40 9.23 13.55
C GLY A 269 -7.89 10.55 13.03
N LYS A 270 -7.29 11.34 13.91
CA LYS A 270 -6.51 12.49 13.44
C LYS A 270 -5.38 12.02 12.54
N HIS A 271 -4.91 12.94 11.70
CA HIS A 271 -3.84 12.64 10.76
C HIS A 271 -2.61 13.50 11.09
N GLU A 272 -1.71 12.93 11.87
CA GLU A 272 -0.47 13.60 12.25
C GLU A 272 0.26 14.17 11.05
N GLN A 273 0.62 15.44 11.14
CA GLN A 273 1.47 16.10 10.17
C GLN A 273 0.94 15.89 8.75
N PHE A 274 -0.38 15.91 8.59
CA PHE A 274 -0.96 15.71 7.26
C PHE A 274 -0.42 16.71 6.22
N ASP A 275 -0.05 16.20 5.06
CA ASP A 275 0.37 17.05 3.92
C ASP A 275 -0.79 17.12 2.93
N ASP A 276 -1.46 18.25 2.87
CA ASP A 276 -2.64 18.37 2.02
C ASP A 276 -2.32 18.70 0.56
N CYS A 277 -1.03 18.72 0.22
CA CYS A 277 -0.56 18.94 -1.17
C CYS A 277 -1.02 20.28 -1.74
N GLY A 278 -1.33 21.23 -0.86
CA GLY A 278 -1.68 22.57 -1.27
C GLY A 278 -3.17 22.78 -1.45
N THR A 279 -3.96 21.74 -1.19
CA THR A 279 -5.38 21.78 -1.49
C THR A 279 -6.23 22.44 -0.42
N ASN A 280 -5.67 22.58 0.78
CA ASN A 280 -6.43 23.00 1.96
C ASN A 280 -7.61 22.09 2.32
N ARG A 281 -7.58 20.85 1.85
CA ARG A 281 -8.62 19.89 2.17
C ARG A 281 -8.24 19.07 3.38
N LYS A 282 -9.21 18.75 4.23
CA LYS A 282 -8.96 17.86 5.35
C LYS A 282 -9.14 16.41 4.95
N PRO A 283 -8.50 15.49 5.67
CA PRO A 283 -8.68 14.06 5.34
C PRO A 283 -10.16 13.65 5.23
N TYR A 284 -11.05 14.10 6.12
CA TYR A 284 -12.42 13.66 6.03
C TYR A 284 -13.10 14.15 4.75
N GLU A 285 -12.62 15.25 4.18
CA GLU A 285 -13.25 15.81 2.98
C GLU A 285 -12.89 14.95 1.77
N ILE A 286 -11.70 14.39 1.80
CA ILE A 286 -11.28 13.46 0.76
C ILE A 286 -12.10 12.16 0.89
N LEU A 287 -12.26 11.66 2.10
CA LEU A 287 -13.13 10.51 2.32
C LEU A 287 -14.55 10.81 1.84
N LEU A 288 -15.08 12.00 2.16
CA LEU A 288 -16.43 12.35 1.70
C LEU A 288 -16.51 12.29 0.17
N GLU A 289 -15.48 12.73 -0.53
CA GLU A 289 -15.56 12.68 -1.99
C GLU A 289 -15.66 11.23 -2.44
N VAL A 290 -14.82 10.37 -1.87
CA VAL A 290 -14.84 8.95 -2.22
C VAL A 290 -16.21 8.33 -1.90
N LEU A 291 -16.83 8.75 -0.80
CA LEU A 291 -18.13 8.19 -0.42
C LEU A 291 -19.27 8.62 -1.34
N GLN A 292 -19.08 9.71 -2.08
CA GLN A 292 -20.07 10.15 -3.06
C GLN A 292 -21.48 10.26 -2.48
N ASN A 293 -21.60 10.91 -1.33
CA ASN A 293 -22.90 11.18 -0.71
C ASN A 293 -23.60 9.97 -0.10
N GLN A 294 -22.92 8.84 -0.03
CA GLN A 294 -23.47 7.72 0.74
C GLN A 294 -23.52 8.15 2.19
N ARG A 295 -24.69 8.06 2.81
CA ARG A 295 -24.86 8.57 4.16
C ARG A 295 -24.46 7.52 5.20
N ILE A 296 -23.18 7.53 5.56
CA ILE A 296 -22.66 6.69 6.62
C ILE A 296 -22.23 7.65 7.75
N PRO A 297 -22.73 7.43 8.99
CA PRO A 297 -22.24 8.22 10.14
C PRO A 297 -20.72 8.21 10.18
N LEU A 298 -20.13 9.40 10.35
CA LEU A 298 -18.69 9.59 10.27
C LEU A 298 -18.25 10.60 11.30
N LEU A 299 -17.42 10.12 12.23
CA LEU A 299 -16.90 10.94 13.32
C LEU A 299 -15.40 11.00 13.13
N ALA A 300 -14.84 12.20 13.03
CA ALA A 300 -13.44 12.37 12.64
C ALA A 300 -12.60 13.09 13.71
N ASP A 301 -11.29 13.10 13.49
CA ASP A 301 -10.29 13.60 14.44
C ASP A 301 -10.30 12.85 15.79
N PHE A 302 -10.60 11.56 15.72
CA PHE A 302 -10.57 10.70 16.92
C PHE A 302 -9.10 10.55 17.38
N ASP A 303 -8.87 10.64 18.70
CA ASP A 303 -7.52 10.61 19.29
C ASP A 303 -6.99 9.21 19.55
N CYS A 304 -6.85 8.45 18.47
CA CYS A 304 -6.32 7.10 18.59
C CYS A 304 -5.48 6.85 17.34
N CYS A 305 -4.27 7.41 17.38
CA CYS A 305 -3.42 7.53 16.21
C CYS A 305 -2.06 8.04 16.70
N ALA A 306 -1.27 8.64 15.82
CA ALA A 306 0.08 9.09 16.15
C ALA A 306 0.10 10.44 16.89
N THR A 307 -1.01 11.15 16.94
CA THR A 307 -1.07 12.42 17.67
C THR A 307 -1.04 12.09 19.17
N HIS A 308 -0.69 13.07 19.99
CA HIS A 308 -0.67 12.88 21.44
C HIS A 308 -1.76 13.73 22.08
N PRO A 309 -2.48 13.21 23.10
CA PRO A 309 -2.35 11.88 23.70
C PRO A 309 -3.15 10.83 22.92
N MSE A 310 -2.98 9.58 23.32
CA MSE A 310 -3.59 8.46 22.62
C MSE A 310 -4.47 7.64 23.52
O MSE A 310 -4.05 7.23 24.63
CB MSE A 310 -2.50 7.58 22.05
CG MSE A 310 -3.09 6.49 21.16
SE MSE A 310 -1.68 5.24 20.61
CE MSE A 310 -2.63 4.38 19.11
N ILE A 311 -5.68 7.40 23.05
CA ILE A 311 -6.61 6.48 23.69
C ILE A 311 -6.15 5.03 23.43
N THR A 312 -6.49 4.12 24.35
CA THR A 312 -6.30 2.70 24.11
C THR A 312 -7.67 2.10 23.77
N MSE A 313 -7.79 1.62 22.54
CA MSE A 313 -9.04 1.12 21.99
C MSE A 313 -9.03 -0.38 21.77
O MSE A 313 -8.20 -0.89 21.02
CB MSE A 313 -9.19 1.78 20.62
CG MSE A 313 -10.45 1.51 19.96
SE MSE A 313 -11.88 2.49 20.80
CE MSE A 313 -13.02 2.11 19.38
N PRO A 314 -9.98 -1.09 22.37
CA PRO A 314 -10.15 -2.50 22.06
C PRO A 314 -10.62 -2.68 20.63
N ILE A 315 -10.09 -3.69 19.97
CA ILE A 315 -10.48 -4.06 18.61
C ILE A 315 -11.13 -5.41 18.61
N GLY A 316 -12.24 -5.56 17.91
CA GLY A 316 -12.91 -6.82 17.81
C GLY A 316 -14.07 -7.01 18.75
N VAL A 317 -14.51 -5.94 19.39
CA VAL A 317 -15.67 -6.00 20.27
C VAL A 317 -16.73 -4.99 19.86
N GLN A 318 -17.95 -5.18 20.35
CA GLN A 318 -19.05 -4.31 20.03
C GLN A 318 -18.86 -2.92 20.61
N VAL A 319 -19.14 -1.94 19.79
CA VAL A 319 -19.05 -0.53 20.13
C VAL A 319 -20.31 0.17 19.62
N LYS A 320 -20.68 1.27 20.27
CA LYS A 320 -21.68 2.18 19.75
C LYS A 320 -21.03 3.52 19.56
N MSE A 321 -21.21 4.09 18.38
CA MSE A 321 -20.74 5.43 18.10
C MSE A 321 -21.93 6.33 17.80
O MSE A 321 -22.97 5.89 17.30
CB MSE A 321 -19.79 5.43 16.90
CG MSE A 321 -20.44 4.97 15.62
SE MSE A 321 -19.25 5.21 14.08
CE MSE A 321 -19.46 7.12 13.83
N ASP A 322 -21.77 7.60 18.14
CA ASP A 322 -22.75 8.62 17.83
C ASP A 322 -21.97 9.76 17.19
N ALA A 323 -22.06 9.88 15.86
CA ALA A 323 -21.34 10.91 15.14
C ALA A 323 -21.97 12.28 15.37
N THR A 324 -23.28 12.30 15.66
CA THR A 324 -23.97 13.55 15.91
C THR A 324 -23.52 14.16 17.22
N ASN A 325 -23.51 13.35 18.26
CA ASN A 325 -23.21 13.82 19.60
C ASN A 325 -21.80 13.50 20.06
N LYS A 326 -21.01 12.92 19.15
CA LYS A 326 -19.58 12.74 19.35
C LYS A 326 -19.24 11.87 20.54
N THR A 327 -19.82 10.68 20.59
CA THR A 327 -19.55 9.73 21.64
C THR A 327 -19.17 8.39 21.05
N ILE A 328 -18.36 7.65 21.81
CA ILE A 328 -18.00 6.29 21.49
C ILE A 328 -18.08 5.51 22.81
N HIS A 329 -18.86 4.43 22.82
CA HIS A 329 -18.96 3.53 23.98
C HIS A 329 -18.58 2.10 23.61
N ILE A 330 -17.78 1.44 24.46
CA ILE A 330 -17.48 0.02 24.26
C ILE A 330 -18.58 -0.77 24.97
N LEU A 331 -19.23 -1.68 24.27
CA LEU A 331 -20.46 -2.32 24.78
C LEU A 331 -20.24 -3.76 25.26
N GLU A 332 -19.09 -4.32 24.93
CA GLU A 332 -18.81 -5.72 25.17
C GLU A 332 -17.50 -5.78 25.96
N LYS A 333 -17.39 -6.69 26.93
CA LYS A 333 -16.14 -6.80 27.69
C LYS A 333 -14.98 -7.24 26.79
N TRP A 334 -13.80 -6.75 27.14
CA TRP A 334 -12.58 -6.98 26.37
C TRP A 334 -11.44 -7.56 27.22
N LYS A 335 -11.69 -7.75 28.51
CA LYS A 335 -10.70 -8.30 29.43
C LYS A 335 -11.44 -8.92 30.62
N ILE A 336 -10.71 -9.75 31.37
CA ILE A 336 -11.20 -10.35 32.62
C ILE A 336 -10.70 -9.47 33.74
N SER B 1 -7.74 -22.60 -24.44
CA SER B 1 -7.09 -21.52 -25.23
C SER B 1 -7.92 -21.14 -26.45
N ASN B 2 -9.23 -21.08 -26.26
CA ASN B 2 -10.13 -20.58 -27.27
C ASN B 2 -9.72 -19.19 -27.70
N ALA B 3 -10.01 -18.86 -28.95
CA ALA B 3 -9.87 -17.48 -29.41
C ALA B 3 -10.79 -16.61 -28.55
N MSE B 4 -10.35 -15.39 -28.27
CA MSE B 4 -11.11 -14.51 -27.39
C MSE B 4 -11.07 -13.12 -27.94
O MSE B 4 -10.28 -12.85 -28.84
CB MSE B 4 -10.52 -14.54 -26.00
CG MSE B 4 -9.11 -14.05 -25.95
SE MSE B 4 -8.45 -14.18 -24.12
CE MSE B 4 -6.77 -13.19 -24.33
N PRO B 5 -11.93 -12.22 -27.42
CA PRO B 5 -11.88 -10.85 -27.90
C PRO B 5 -10.50 -10.26 -27.60
N LEU B 6 -9.98 -9.53 -28.59
CA LEU B 6 -8.69 -8.90 -28.48
C LEU B 6 -8.82 -7.53 -29.09
N PRO B 7 -8.00 -6.58 -28.65
CA PRO B 7 -8.01 -5.28 -29.31
C PRO B 7 -7.38 -5.34 -30.71
N LYS B 8 -7.78 -4.44 -31.59
CA LYS B 8 -7.16 -4.33 -32.90
C LYS B 8 -5.75 -3.75 -32.76
N SER B 9 -4.84 -4.27 -33.58
CA SER B 9 -3.48 -3.75 -33.67
C SER B 9 -3.52 -2.27 -33.99
N LEU B 10 -2.58 -1.55 -33.40
CA LEU B 10 -2.31 -0.18 -33.76
C LEU B 10 -1.90 -0.12 -35.23
N LYS B 11 -2.29 0.94 -35.92
CA LYS B 11 -1.85 1.18 -37.30
C LYS B 11 -1.30 2.57 -37.39
N TYR B 12 -0.43 2.83 -38.36
CA TYR B 12 0.01 4.19 -38.58
C TYR B 12 -1.18 5.09 -38.87
N GLY B 13 -1.13 6.31 -38.36
CA GLY B 13 -2.21 7.26 -38.57
C GLY B 13 -3.32 7.12 -37.55
N ASP B 14 -3.16 6.16 -36.66
CA ASP B 14 -4.19 5.96 -35.64
C ASP B 14 -4.17 7.08 -34.64
N THR B 15 -5.29 7.23 -33.97
CA THR B 15 -5.41 8.22 -32.90
C THR B 15 -5.16 7.57 -31.55
N ILE B 16 -4.21 8.14 -30.83
CA ILE B 16 -3.93 7.77 -29.46
C ILE B 16 -4.58 8.81 -28.57
N GLY B 17 -5.49 8.35 -27.71
CA GLY B 17 -6.17 9.23 -26.78
C GLY B 17 -5.38 9.22 -25.48
N ILE B 18 -5.16 10.40 -24.93
CA ILE B 18 -4.40 10.52 -23.70
C ILE B 18 -5.29 11.08 -22.60
N TYR B 19 -5.07 10.58 -21.38
CA TYR B 19 -5.83 11.00 -20.21
C TYR B 19 -4.90 11.02 -19.01
N SER B 20 -5.32 11.74 -17.97
CA SER B 20 -4.52 11.95 -16.75
C SER B 20 -5.30 11.45 -15.56
N PRO B 21 -5.16 10.16 -15.24
CA PRO B 21 -5.99 9.57 -14.18
C PRO B 21 -5.48 9.90 -12.77
N SER B 22 -4.34 10.59 -12.68
CA SER B 22 -3.76 10.92 -11.39
C SER B 22 -3.00 12.26 -11.48
N SER B 23 -1.67 12.26 -11.49
CA SER B 23 -0.90 13.50 -11.44
C SER B 23 -1.15 14.38 -12.64
N PRO B 24 -1.21 15.71 -12.44
CA PRO B 24 -1.48 16.68 -13.53
C PRO B 24 -0.22 17.05 -14.32
N VAL B 25 0.45 16.05 -14.88
CA VAL B 25 1.75 16.25 -15.53
C VAL B 25 1.69 17.17 -16.74
N THR B 26 0.53 17.25 -17.41
CA THR B 26 0.47 18.06 -18.61
C THR B 26 0.51 19.55 -18.28
N TYR B 27 0.24 19.86 -17.02
CA TYR B 27 0.38 21.22 -16.51
C TYR B 27 1.76 21.44 -15.89
N THR B 28 2.22 20.48 -15.10
CA THR B 28 3.43 20.70 -14.30
C THR B 28 4.73 20.41 -15.05
N SER B 29 4.68 19.61 -16.11
CA SER B 29 5.85 19.32 -16.96
C SER B 29 5.52 19.56 -18.43
N PRO B 30 5.24 20.81 -18.80
CA PRO B 30 4.78 21.12 -20.14
C PRO B 30 5.80 20.85 -21.23
N LYS B 31 7.08 21.00 -20.96
CA LYS B 31 8.08 20.81 -22.01
C LYS B 31 8.16 19.33 -22.38
N ARG B 32 8.24 18.47 -21.38
CA ARG B 32 8.33 17.06 -21.67
C ARG B 32 7.03 16.54 -22.28
N PHE B 33 5.89 17.08 -21.83
CA PHE B 33 4.61 16.76 -22.44
C PHE B 33 4.56 17.13 -23.93
N GLU B 34 4.97 18.35 -24.25
CA GLU B 34 4.99 18.80 -25.65
C GLU B 34 5.97 17.98 -26.47
N ARG B 35 7.12 17.66 -25.90
CA ARG B 35 8.12 16.84 -26.57
C ARG B 35 7.57 15.43 -26.86
N ALA B 36 6.86 14.87 -25.89
CA ALA B 36 6.29 13.52 -26.05
C ALA B 36 5.24 13.48 -27.15
N LYS B 37 4.33 14.46 -27.17
CA LYS B 37 3.32 14.51 -28.21
C LYS B 37 4.03 14.63 -29.56
N SER B 38 5.01 15.52 -29.62
CA SER B 38 5.71 15.79 -30.87
C SER B 38 6.44 14.53 -31.36
N TYR B 39 6.95 13.73 -30.42
CA TYR B 39 7.62 12.50 -30.81
C TYR B 39 6.68 11.55 -31.55
N LEU B 40 5.49 11.31 -31.00
CA LEU B 40 4.52 10.40 -31.62
C LEU B 40 3.85 11.00 -32.88
N LEU B 41 3.67 12.31 -32.92
CA LEU B 41 3.15 12.95 -34.12
C LEU B 41 4.12 12.78 -35.31
N GLN B 42 5.42 12.82 -35.03
CA GLN B 42 6.44 12.66 -36.09
C GLN B 42 6.44 11.27 -36.68
N LYS B 43 6.02 10.29 -35.88
CA LYS B 43 5.94 8.90 -36.33
C LYS B 43 4.65 8.68 -37.09
N GLY B 44 3.82 9.71 -37.15
CA GLY B 44 2.61 9.68 -37.94
C GLY B 44 1.34 9.30 -37.20
N PHE B 45 1.34 9.35 -35.86
CA PHE B 45 0.11 9.11 -35.10
C PHE B 45 -0.55 10.46 -34.86
N HIS B 46 -1.82 10.42 -34.49
CA HIS B 46 -2.56 11.59 -34.05
C HIS B 46 -2.79 11.47 -32.54
N ILE B 47 -2.78 12.58 -31.82
CA ILE B 47 -3.04 12.57 -30.38
C ILE B 47 -4.34 13.30 -30.11
N LEU B 48 -5.27 12.61 -29.44
CA LEU B 48 -6.48 13.27 -28.95
C LEU B 48 -6.28 13.54 -27.46
N GLU B 49 -6.26 14.82 -27.09
CA GLU B 49 -6.00 15.22 -25.72
C GLU B 49 -7.28 15.15 -24.90
N GLY B 50 -7.24 14.37 -23.83
CA GLY B 50 -8.38 14.23 -22.96
C GLY B 50 -8.78 15.54 -22.31
N SER B 51 -9.98 15.59 -21.76
CA SER B 51 -10.56 16.82 -21.28
C SER B 51 -9.86 17.47 -20.09
N LEU B 52 -8.95 16.74 -19.42
CA LEU B 52 -8.26 17.31 -18.26
C LEU B 52 -6.84 17.74 -18.63
N THR B 53 -6.50 17.67 -19.92
CA THR B 53 -5.20 18.10 -20.36
C THR B 53 -5.03 19.58 -20.05
N GLY B 54 -3.91 19.93 -19.40
CA GLY B 54 -3.60 21.30 -19.07
C GLY B 54 -4.23 21.79 -17.76
N ARG B 55 -5.05 20.95 -17.14
CA ARG B 55 -5.75 21.34 -15.93
C ARG B 55 -4.93 20.96 -14.69
N TYR B 56 -5.28 21.59 -13.58
CA TYR B 56 -4.47 21.42 -12.38
C TYR B 56 -5.32 21.42 -11.14
N ASP B 57 -5.22 20.34 -10.37
CA ASP B 57 -5.86 20.26 -9.04
C ASP B 57 -4.85 19.70 -8.05
N TYR B 58 -3.68 20.34 -8.01
CA TYR B 58 -2.66 20.08 -7.01
C TYR B 58 -2.01 18.73 -7.21
N TYR B 59 -2.44 17.71 -6.46
CA TYR B 59 -1.83 16.40 -6.60
C TYR B 59 -2.49 15.56 -7.69
N ARG B 60 -3.59 16.07 -8.23
CA ARG B 60 -4.33 15.36 -9.26
C ARG B 60 -4.79 16.31 -10.38
N SER B 61 -5.29 15.73 -11.46
CA SER B 61 -5.77 16.49 -12.60
C SER B 61 -7.18 17.04 -12.42
N GLY B 62 -7.94 16.45 -11.50
CA GLY B 62 -9.30 16.86 -11.29
C GLY B 62 -9.97 15.91 -10.33
N SER B 63 -11.25 16.13 -10.08
CA SER B 63 -12.02 15.32 -9.15
C SER B 63 -12.13 13.89 -9.67
N ILE B 64 -12.54 13.00 -8.79
CA ILE B 64 -12.77 11.61 -9.18
C ILE B 64 -13.71 11.55 -10.40
N GLN B 65 -14.85 12.24 -10.32
CA GLN B 65 -15.81 12.22 -11.41
C GLN B 65 -15.26 12.84 -12.69
N GLU B 66 -14.48 13.91 -12.56
CA GLU B 66 -13.88 14.57 -13.74
C GLU B 66 -12.90 13.63 -14.45
N ARG B 67 -12.13 12.88 -13.67
CA ARG B 67 -11.16 11.95 -14.25
C ARG B 67 -11.85 10.74 -14.88
N ALA B 68 -12.90 10.22 -14.25
CA ALA B 68 -13.67 9.14 -14.86
C ALA B 68 -14.29 9.61 -16.18
N LYS B 69 -14.84 10.82 -16.19
CA LYS B 69 -15.45 11.33 -17.40
C LYS B 69 -14.40 11.46 -18.51
N GLU B 70 -13.20 11.90 -18.15
CA GLU B 70 -12.13 12.06 -19.12
C GLU B 70 -11.83 10.73 -19.83
N LEU B 71 -11.61 9.68 -19.03
CA LEU B 71 -11.27 8.39 -19.56
C LEU B 71 -12.47 7.81 -20.32
N ASN B 72 -13.66 7.94 -19.75
CA ASN B 72 -14.84 7.38 -20.43
C ASN B 72 -15.07 8.00 -21.81
N ALA B 73 -14.82 9.28 -21.97
CA ALA B 73 -14.99 9.91 -23.28
C ALA B 73 -14.05 9.26 -24.33
N LEU B 74 -12.86 8.86 -23.90
CA LEU B 74 -11.94 8.19 -24.82
C LEU B 74 -12.42 6.76 -25.11
N ILE B 75 -12.84 6.06 -24.06
CA ILE B 75 -13.36 4.70 -24.20
C ILE B 75 -14.54 4.64 -25.18
N ARG B 76 -15.44 5.61 -25.08
CA ARG B 76 -16.62 5.67 -25.92
C ARG B 76 -16.39 6.25 -27.32
N ASN B 77 -15.17 6.72 -27.60
CA ASN B 77 -14.86 7.33 -28.89
C ASN B 77 -14.36 6.27 -29.89
N PRO B 78 -15.15 5.98 -30.94
CA PRO B 78 -14.76 4.92 -31.88
C PRO B 78 -13.54 5.24 -32.71
N ASN B 79 -13.16 6.51 -32.76
CA ASN B 79 -12.00 6.93 -33.53
C ASN B 79 -10.68 6.76 -32.79
N VAL B 80 -10.75 6.35 -31.52
CA VAL B 80 -9.55 6.14 -30.72
C VAL B 80 -9.15 4.66 -30.76
N SER B 81 -7.90 4.37 -31.15
CA SER B 81 -7.39 3.00 -31.21
C SER B 81 -6.56 2.62 -30.00
N CYS B 82 -6.08 3.61 -29.27
CA CYS B 82 -5.13 3.37 -28.17
C CYS B 82 -5.36 4.43 -27.13
N ILE B 83 -5.48 4.01 -25.87
CA ILE B 83 -5.72 4.90 -24.74
C ILE B 83 -4.52 4.77 -23.84
N MSE B 84 -3.82 5.88 -23.67
CA MSE B 84 -2.51 5.93 -22.99
C MSE B 84 -2.55 6.95 -21.88
O MSE B 84 -2.98 8.08 -22.09
CB MSE B 84 -1.44 6.33 -24.01
CG MSE B 84 -0.06 6.51 -23.46
SE MSE B 84 1.21 7.05 -24.85
CE MSE B 84 1.15 5.45 -25.97
N SER B 85 -2.13 6.56 -20.68
CA SER B 85 -2.06 7.52 -19.58
C SER B 85 -0.92 8.50 -19.84
N THR B 86 -1.07 9.73 -19.36
CA THR B 86 -0.01 10.71 -19.52
C THR B 86 1.11 10.42 -18.53
N ILE B 87 0.71 9.94 -17.34
CA ILE B 87 1.59 9.60 -16.23
C ILE B 87 0.75 8.95 -15.13
N GLY B 88 1.41 8.37 -14.13
CA GLY B 88 0.72 7.80 -13.00
C GLY B 88 0.56 8.80 -11.87
N GLY B 89 0.89 8.33 -10.67
CA GLY B 89 0.74 9.11 -9.47
C GLY B 89 0.33 8.17 -8.35
N MSE B 90 -0.91 8.31 -7.88
N MSE B 90 -0.91 8.30 -7.86
CA MSE B 90 -1.42 7.53 -6.77
CA MSE B 90 -1.43 7.41 -6.82
C MSE B 90 -2.91 7.20 -6.87
C MSE B 90 -2.92 7.11 -6.94
O MSE B 90 -3.39 6.36 -6.11
O MSE B 90 -3.42 6.21 -6.27
CB MSE B 90 -1.24 8.30 -5.47
CB MSE B 90 -1.20 8.03 -5.44
CG MSE B 90 0.19 8.44 -5.04
CG MSE B 90 0.24 8.28 -5.10
SE MSE B 90 0.92 6.74 -4.51
SE MSE B 90 0.53 8.28 -3.19
CE MSE B 90 0.33 6.65 -2.66
CE MSE B 90 0.34 6.36 -2.89
N ASN B 91 -3.63 7.87 -7.77
CA ASN B 91 -5.08 7.93 -7.65
C ASN B 91 -5.94 7.36 -8.75
N SER B 92 -5.33 6.54 -9.61
CA SER B 92 -6.08 5.89 -10.67
C SER B 92 -7.18 4.99 -10.11
N ASN B 93 -6.93 4.36 -8.97
CA ASN B 93 -7.91 3.41 -8.44
C ASN B 93 -9.24 4.11 -8.09
N SER B 94 -9.23 5.42 -7.88
CA SER B 94 -10.48 6.13 -7.57
C SER B 94 -11.50 6.00 -8.69
N LEU B 95 -11.02 5.87 -9.93
CA LEU B 95 -11.89 5.85 -11.09
C LEU B 95 -12.68 4.56 -11.26
N LEU B 96 -12.22 3.49 -10.65
CA LEU B 96 -12.66 2.14 -11.02
C LEU B 96 -14.18 1.91 -10.94
N PRO B 97 -14.89 2.45 -9.92
CA PRO B 97 -16.35 2.20 -9.92
C PRO B 97 -17.10 2.88 -11.07
N TYR B 98 -16.45 3.82 -11.76
CA TYR B 98 -17.15 4.74 -12.65
C TYR B 98 -16.78 4.57 -14.11
N ILE B 99 -15.93 3.61 -14.40
CA ILE B 99 -15.49 3.36 -15.78
C ILE B 99 -16.55 2.60 -16.55
N ASP B 100 -16.72 2.97 -17.81
CA ASP B 100 -17.71 2.35 -18.68
C ASP B 100 -17.11 1.06 -19.25
N TYR B 101 -17.05 0.01 -18.43
CA TYR B 101 -16.51 -1.26 -18.88
C TYR B 101 -17.31 -1.87 -20.04
N ASP B 102 -18.61 -1.66 -20.03
CA ASP B 102 -19.46 -2.15 -21.12
C ASP B 102 -19.03 -1.51 -22.43
N ALA B 103 -18.83 -0.19 -22.44
CA ALA B 103 -18.44 0.46 -23.68
C ALA B 103 -17.07 -0.05 -24.12
N PHE B 104 -16.17 -0.31 -23.17
CA PHE B 104 -14.86 -0.85 -23.53
C PHE B 104 -15.00 -2.23 -24.15
N GLN B 105 -15.78 -3.07 -23.50
CA GLN B 105 -16.07 -4.40 -24.02
C GLN B 105 -16.67 -4.34 -25.41
N ASN B 106 -17.52 -3.35 -25.65
CA ASN B 106 -18.21 -3.21 -26.93
C ASN B 106 -17.27 -2.76 -28.05
N ASN B 107 -16.17 -2.10 -27.68
CA ASN B 107 -15.26 -1.54 -28.67
C ASN B 107 -13.86 -1.49 -28.07
N PRO B 108 -13.23 -2.66 -27.98
CA PRO B 108 -11.95 -2.77 -27.27
C PRO B 108 -10.86 -1.96 -27.95
N LYS B 109 -9.94 -1.44 -27.14
CA LYS B 109 -8.83 -0.69 -27.66
C LYS B 109 -7.59 -1.13 -26.89
N ILE B 110 -6.45 -0.70 -27.38
CA ILE B 110 -5.21 -0.92 -26.67
C ILE B 110 -5.18 0.05 -25.48
N MSE B 111 -5.13 -0.49 -24.26
CA MSE B 111 -5.04 0.30 -23.06
C MSE B 111 -3.62 0.11 -22.56
O MSE B 111 -3.21 -1.04 -22.29
CB MSE B 111 -6.02 -0.25 -22.04
CG MSE B 111 -6.13 0.53 -20.79
SE MSE B 111 -7.22 2.12 -21.02
CE MSE B 111 -7.21 2.64 -19.15
N ILE B 112 -2.85 1.18 -22.45
CA ILE B 112 -1.42 1.09 -22.10
C ILE B 112 -1.01 2.17 -21.11
N GLY B 113 -0.07 1.80 -20.25
CA GLY B 113 0.54 2.72 -19.31
C GLY B 113 1.29 1.90 -18.26
N TYR B 114 1.73 2.54 -17.20
CA TYR B 114 2.43 1.80 -16.16
C TYR B 114 2.29 2.49 -14.82
N ALA B 115 2.97 1.93 -13.85
CA ALA B 115 2.99 2.51 -12.52
C ALA B 115 1.57 2.60 -11.96
N ASP B 116 1.12 3.74 -11.47
CA ASP B 116 -0.23 3.84 -10.90
C ASP B 116 -1.32 3.42 -11.89
N ALA B 117 -1.08 3.57 -13.19
CA ALA B 117 -2.06 3.12 -14.18
C ALA B 117 -2.36 1.61 -14.12
N THR B 118 -1.52 0.86 -13.41
CA THR B 118 -1.79 -0.56 -13.14
C THR B 118 -3.21 -0.77 -12.62
N ALA B 119 -3.72 0.15 -11.80
CA ALA B 119 -5.07 -0.03 -11.26
C ALA B 119 -6.09 -0.19 -12.40
N LEU B 120 -5.92 0.60 -13.44
CA LEU B 120 -6.83 0.61 -14.58
C LEU B 120 -6.53 -0.52 -15.56
N LEU B 121 -5.25 -0.81 -15.79
CA LEU B 121 -4.91 -1.92 -16.66
C LEU B 121 -5.48 -3.21 -16.13
N LEU B 122 -5.30 -3.46 -14.83
CA LEU B 122 -5.79 -4.69 -14.24
C LEU B 122 -7.31 -4.63 -14.06
N GLY B 123 -7.85 -3.46 -13.74
CA GLY B 123 -9.30 -3.33 -13.62
C GLY B 123 -10.03 -3.64 -14.92
N ILE B 124 -9.54 -3.09 -16.02
CA ILE B 124 -10.16 -3.35 -17.32
C ILE B 124 -10.05 -4.84 -17.66
N TYR B 125 -8.86 -5.41 -17.48
CA TYR B 125 -8.72 -6.84 -17.72
C TYR B 125 -9.64 -7.69 -16.85
N ALA B 126 -9.71 -7.37 -15.56
CA ALA B 126 -10.54 -8.11 -14.65
C ALA B 126 -12.02 -8.03 -15.05
N LYS B 127 -12.48 -6.87 -15.50
CA LYS B 127 -13.91 -6.70 -15.78
C LYS B 127 -14.31 -7.15 -17.19
N THR B 128 -13.38 -7.10 -18.14
CA THR B 128 -13.72 -7.35 -19.53
C THR B 128 -13.01 -8.54 -20.14
N GLY B 129 -11.90 -9.00 -19.53
CA GLY B 129 -11.13 -10.12 -20.03
C GLY B 129 -10.23 -9.77 -21.21
N ILE B 130 -10.22 -8.50 -21.59
N ILE B 130 -10.27 -8.50 -21.62
CA ILE B 130 -9.41 -8.06 -22.71
CA ILE B 130 -9.41 -8.00 -22.69
C ILE B 130 -7.99 -7.74 -22.21
C ILE B 130 -7.99 -7.80 -22.15
N PRO B 131 -6.95 -8.34 -22.83
CA PRO B 131 -5.59 -8.02 -22.38
C PRO B 131 -5.27 -6.52 -22.47
N THR B 132 -4.51 -6.05 -21.49
CA THR B 132 -4.08 -4.67 -21.45
C THR B 132 -2.57 -4.68 -21.37
N PHE B 133 -1.93 -3.51 -21.45
CA PHE B 133 -0.50 -3.48 -21.72
C PHE B 133 0.26 -2.65 -20.71
N TYR B 134 1.25 -3.30 -20.08
CA TYR B 134 2.17 -2.63 -19.20
C TYR B 134 3.27 -2.09 -20.10
N GLY B 135 3.27 -0.78 -20.25
CA GLY B 135 4.12 -0.14 -21.23
C GLY B 135 4.08 1.37 -21.12
N PRO B 136 4.55 2.05 -22.17
CA PRO B 136 4.71 3.49 -22.14
C PRO B 136 3.51 4.26 -21.65
N ALA B 137 3.80 5.22 -20.78
CA ALA B 137 2.94 6.36 -20.53
C ALA B 137 3.51 7.56 -21.30
N LEU B 138 2.65 8.46 -21.74
CA LEU B 138 3.09 9.47 -22.69
C LEU B 138 4.31 10.29 -22.23
N VAL B 139 4.22 10.93 -21.06
CA VAL B 139 5.21 11.92 -20.71
C VAL B 139 6.54 11.29 -20.24
N PRO B 140 6.48 10.33 -19.29
CA PRO B 140 7.74 9.71 -18.87
C PRO B 140 8.42 8.93 -20.01
N SER B 141 7.64 8.21 -20.80
CA SER B 141 8.22 7.28 -21.76
C SER B 141 8.56 7.91 -23.09
N PHE B 142 7.64 8.68 -23.66
CA PHE B 142 7.88 9.26 -24.97
C PHE B 142 8.43 10.68 -24.94
N GLY B 143 8.48 11.25 -23.73
CA GLY B 143 9.14 12.54 -23.54
C GLY B 143 10.63 12.38 -23.25
N GLU B 144 11.08 11.15 -23.06
CA GLU B 144 12.48 10.85 -22.86
C GLU B 144 13.28 11.34 -24.07
N PHE B 145 14.43 11.97 -23.86
CA PHE B 145 15.30 12.33 -24.96
C PHE B 145 15.93 11.10 -25.64
N GLU B 146 16.44 11.30 -26.84
CA GLU B 146 17.26 10.28 -27.46
C GLU B 146 18.43 10.01 -26.52
N PRO B 147 18.95 8.78 -26.53
CA PRO B 147 18.63 7.68 -27.44
C PRO B 147 17.54 6.73 -26.93
N PHE B 148 17.26 6.75 -25.63
CA PHE B 148 16.45 5.69 -25.06
C PHE B 148 15.02 5.67 -25.59
N VAL B 149 14.50 6.84 -25.93
CA VAL B 149 13.12 6.91 -26.43
C VAL B 149 12.93 6.07 -27.68
N ASP B 150 13.95 5.99 -28.52
CA ASP B 150 13.85 5.22 -29.76
C ASP B 150 13.76 3.72 -29.49
N ASP B 151 14.44 3.24 -28.46
CA ASP B 151 14.33 1.85 -28.06
C ASP B 151 12.93 1.57 -27.51
N THR B 152 12.46 2.40 -26.60
CA THR B 152 11.09 2.25 -26.08
C THR B 152 10.08 2.25 -27.25
N TYR B 153 10.27 3.13 -28.22
CA TYR B 153 9.35 3.22 -29.34
C TYR B 153 9.43 1.93 -30.17
N LYS B 154 10.63 1.43 -30.40
CA LYS B 154 10.80 0.17 -31.12
C LYS B 154 9.98 -0.96 -30.50
N TYR B 155 10.09 -1.16 -29.18
N TYR B 155 10.05 -1.14 -29.18
CA TYR B 155 9.36 -2.22 -28.50
CA TYR B 155 9.34 -2.24 -28.54
C TYR B 155 7.85 -2.00 -28.64
C TYR B 155 7.83 -2.01 -28.52
N PHE B 156 7.42 -0.75 -28.48
CA PHE B 156 6.01 -0.38 -28.58
C PHE B 156 5.46 -0.79 -29.95
N LEU B 157 6.15 -0.40 -31.01
CA LEU B 157 5.74 -0.75 -32.37
C LEU B 157 5.74 -2.26 -32.57
N GLU B 158 6.82 -2.92 -32.15
CA GLU B 158 6.96 -4.35 -32.40
C GLU B 158 5.87 -5.16 -31.70
N THR B 159 5.42 -4.69 -30.55
CA THR B 159 4.38 -5.39 -29.82
C THR B 159 2.98 -5.00 -30.26
N LEU B 160 2.76 -3.72 -30.59
CA LEU B 160 1.39 -3.25 -30.82
C LEU B 160 0.98 -3.09 -32.27
N LEU B 161 1.96 -2.91 -33.15
CA LEU B 161 1.66 -2.60 -34.55
C LEU B 161 2.11 -3.70 -35.49
N HIS B 162 3.35 -4.16 -35.36
CA HIS B 162 3.86 -5.21 -36.25
C HIS B 162 3.13 -6.54 -36.07
N ASP B 163 3.03 -7.33 -37.14
CA ASP B 163 2.58 -8.70 -37.01
C ASP B 163 3.71 -9.43 -36.33
N GLN B 164 3.39 -10.37 -35.43
CA GLN B 164 4.40 -11.20 -34.80
C GLN B 164 3.98 -12.67 -34.86
N ALA B 165 4.88 -13.52 -35.33
CA ALA B 165 4.71 -14.96 -35.23
C ALA B 165 4.90 -15.35 -33.77
N LEU B 166 4.17 -16.38 -33.36
CA LEU B 166 4.29 -16.89 -32.01
C LEU B 166 5.10 -18.18 -32.05
N PRO B 167 5.86 -18.46 -30.98
CA PRO B 167 6.11 -17.62 -29.80
C PRO B 167 6.90 -16.37 -30.16
N TYR B 168 6.60 -15.28 -29.47
CA TYR B 168 7.23 -13.98 -29.73
C TYR B 168 8.25 -13.72 -28.65
N ASN B 169 9.52 -13.64 -29.03
CA ASN B 169 10.63 -13.42 -28.13
C ASN B 169 10.73 -11.95 -27.73
N ILE B 170 10.79 -11.68 -26.43
CA ILE B 170 10.96 -10.34 -25.91
C ILE B 170 12.46 -10.10 -25.77
N LYS B 171 13.02 -9.28 -26.64
CA LYS B 171 14.48 -9.14 -26.70
C LYS B 171 14.97 -8.29 -25.54
N GLN B 172 16.12 -8.64 -24.99
N GLN B 172 16.14 -8.65 -25.02
CA GLN B 172 16.68 -7.85 -23.91
CA GLN B 172 16.79 -7.86 -23.98
C GLN B 172 17.32 -6.59 -24.49
C GLN B 172 17.32 -6.55 -24.56
N PRO B 173 16.96 -5.40 -23.97
CA PRO B 173 17.63 -4.17 -24.40
C PRO B 173 19.13 -4.25 -24.11
N LEU B 174 19.93 -3.61 -24.94
CA LEU B 174 21.39 -3.64 -24.76
C LEU B 174 21.89 -2.65 -23.72
N PHE B 175 21.17 -1.55 -23.50
CA PHE B 175 21.61 -0.52 -22.56
C PHE B 175 20.42 -0.03 -21.73
N TRP B 176 20.69 0.55 -20.57
CA TRP B 176 19.63 1.12 -19.71
C TRP B 176 20.15 2.26 -18.87
N SER B 177 19.22 2.98 -18.26
CA SER B 177 19.54 4.00 -17.28
C SER B 177 18.35 4.27 -16.40
N ASP B 178 18.62 4.68 -15.16
CA ASP B 178 17.58 5.23 -14.28
C ASP B 178 17.97 6.61 -13.77
N GLU B 179 18.87 7.30 -14.47
CA GLU B 179 19.39 8.56 -13.97
C GLU B 179 18.29 9.58 -13.82
N PHE B 180 18.34 10.30 -12.71
CA PHE B 180 17.35 11.33 -12.39
C PHE B 180 17.82 12.67 -12.95
N ILE B 181 17.84 12.73 -14.27
CA ILE B 181 18.20 13.94 -15.02
C ILE B 181 17.37 14.04 -16.27
N ASN B 182 17.48 15.17 -16.96
CA ASN B 182 16.91 15.36 -18.29
C ASN B 182 15.41 15.16 -18.31
N TRP B 183 14.74 15.70 -17.31
CA TRP B 183 13.29 15.58 -17.26
C TRP B 183 12.60 16.58 -18.20
N GLU B 184 12.65 17.88 -17.89
CA GLU B 184 12.13 18.89 -18.81
C GLU B 184 13.14 19.30 -19.88
N GLU B 185 14.40 19.49 -19.48
CA GLU B 185 15.45 19.92 -20.39
C GLU B 185 16.68 19.05 -20.26
N LYS B 186 17.40 18.86 -21.36
CA LYS B 186 18.57 18.00 -21.35
C LYS B 186 19.79 18.80 -20.93
N THR B 187 20.58 18.25 -20.00
CA THR B 187 21.80 18.91 -19.53
C THR B 187 23.06 18.11 -19.82
N LYS B 188 22.89 16.81 -20.05
CA LYS B 188 24.00 15.94 -20.44
C LYS B 188 23.44 14.62 -20.93
N GLU B 189 24.29 13.78 -21.50
CA GLU B 189 23.86 12.46 -21.93
C GLU B 189 23.75 11.52 -20.73
N LYS B 190 22.66 10.75 -20.69
CA LYS B 190 22.56 9.67 -19.72
C LYS B 190 23.60 8.62 -20.05
N GLU B 191 24.15 8.02 -19.02
CA GLU B 191 25.09 6.91 -19.16
C GLU B 191 24.37 5.74 -19.85
N LEU B 192 25.00 5.17 -20.87
CA LEU B 192 24.48 3.94 -21.46
C LEU B 192 25.05 2.74 -20.73
N ARG B 193 24.33 2.27 -19.73
CA ARG B 193 24.80 1.17 -18.92
CA ARG B 193 24.80 1.16 -18.92
C ARG B 193 24.57 -0.15 -19.65
N PRO B 194 25.61 -0.98 -19.80
CA PRO B 194 25.37 -2.28 -20.43
C PRO B 194 24.36 -3.08 -19.62
N ASN B 195 23.41 -3.71 -20.31
CA ASN B 195 22.27 -4.29 -19.63
C ASN B 195 22.38 -5.79 -19.48
N ASN B 196 21.75 -6.31 -18.43
CA ASN B 196 21.58 -7.74 -18.26
C ASN B 196 20.30 -8.01 -17.50
N TRP B 197 19.70 -9.16 -17.76
CA TRP B 197 18.67 -9.67 -16.87
C TRP B 197 19.38 -10.61 -15.90
N ILE B 198 18.73 -10.95 -14.79
CA ILE B 198 19.39 -11.70 -13.73
C ILE B 198 18.66 -13.01 -13.51
N SER B 199 19.41 -14.11 -13.63
CA SER B 199 18.89 -15.41 -13.32
CA SER B 199 18.89 -15.44 -13.32
C SER B 199 18.98 -15.63 -11.81
N VAL B 200 17.95 -15.23 -11.08
CA VAL B 200 18.01 -15.29 -9.61
C VAL B 200 17.85 -16.72 -9.09
N THR B 201 16.87 -17.43 -9.64
CA THR B 201 16.62 -18.82 -9.30
C THR B 201 16.31 -19.52 -10.61
N ASN B 202 17.05 -20.60 -10.92
CA ASN B 202 16.94 -21.23 -12.20
C ASN B 202 15.59 -21.92 -12.39
N GLY B 203 15.26 -22.15 -13.65
CA GLY B 203 14.09 -22.93 -14.01
C GLY B 203 13.26 -22.25 -15.07
N GLN B 204 12.12 -22.88 -15.38
CA GLN B 204 11.21 -22.42 -16.44
C GLN B 204 9.81 -22.44 -15.90
N ALA B 205 8.99 -21.59 -16.45
CA ALA B 205 7.56 -21.58 -16.10
C ALA B 205 6.77 -21.10 -17.30
N THR B 206 5.58 -21.65 -17.45
CA THR B 206 4.65 -21.22 -18.47
C THR B 206 3.31 -20.92 -17.82
N GLY B 207 2.71 -19.79 -18.16
CA GLY B 207 1.42 -19.47 -17.63
C GLY B 207 0.98 -18.10 -18.01
N ARG B 208 -0.27 -17.79 -17.70
CA ARG B 208 -0.81 -16.45 -17.86
C ARG B 208 -0.03 -15.47 -17.02
N VAL B 209 0.39 -14.38 -17.62
CA VAL B 209 1.10 -13.36 -16.86
C VAL B 209 0.12 -12.35 -16.26
N ILE B 210 0.29 -12.10 -14.96
CA ILE B 210 -0.55 -11.17 -14.23
C ILE B 210 0.37 -10.33 -13.39
N GLY B 211 0.11 -9.02 -13.35
CA GLY B 211 0.82 -8.14 -12.44
C GLY B 211 0.96 -6.74 -12.98
N GLY B 212 2.05 -6.08 -12.58
CA GLY B 212 2.28 -4.70 -12.89
C GLY B 212 3.00 -4.06 -11.72
N ASN B 213 2.65 -2.83 -11.40
CA ASN B 213 3.28 -2.12 -10.28
C ASN B 213 2.78 -2.66 -8.95
N LEU B 214 3.67 -3.21 -8.16
CA LEU B 214 3.26 -3.93 -6.96
C LEU B 214 2.66 -2.99 -5.89
N ASN B 215 3.28 -1.83 -5.70
CA ASN B 215 2.74 -0.85 -4.77
C ASN B 215 1.29 -0.50 -5.12
N THR B 216 1.01 -0.33 -6.41
CA THR B 216 -0.31 0.03 -6.88
C THR B 216 -1.32 -1.12 -6.71
N ILE B 217 -0.86 -2.34 -6.88
CA ILE B 217 -1.71 -3.53 -6.71
C ILE B 217 -2.33 -3.56 -5.32
N GLN B 218 -1.60 -3.08 -4.33
CA GLN B 218 -2.13 -3.02 -2.96
C GLN B 218 -3.28 -2.05 -2.79
N GLY B 219 -3.49 -1.16 -3.75
CA GLY B 219 -4.66 -0.29 -3.72
C GLY B 219 -5.91 -0.86 -4.37
N ILE B 220 -5.79 -2.01 -5.06
CA ILE B 220 -6.95 -2.66 -5.70
C ILE B 220 -7.17 -4.10 -5.24
N TRP B 221 -6.26 -4.63 -4.44
CA TRP B 221 -6.30 -6.04 -4.04
C TRP B 221 -7.61 -6.36 -3.32
N GLY B 222 -8.18 -7.51 -3.63
CA GLY B 222 -9.40 -7.97 -3.00
C GLY B 222 -10.69 -7.52 -3.67
N SER B 223 -10.59 -6.55 -4.59
CA SER B 223 -11.75 -5.93 -5.20
C SER B 223 -12.12 -6.64 -6.50
N PRO B 224 -13.28 -6.30 -7.09
CA PRO B 224 -13.65 -6.88 -8.38
C PRO B 224 -12.73 -6.46 -9.52
N TYR B 225 -11.86 -5.49 -9.25
CA TYR B 225 -10.97 -4.94 -10.25
C TYR B 225 -9.58 -5.58 -10.23
N MSE B 226 -9.31 -6.47 -9.27
CA MSE B 226 -8.09 -7.25 -9.26
C MSE B 226 -8.37 -8.64 -9.83
O MSE B 226 -9.18 -9.37 -9.28
CB MSE B 226 -7.57 -7.41 -7.84
CG MSE B 226 -6.25 -8.21 -7.75
SE MSE B 226 -4.79 -7.29 -8.57
CE MSE B 226 -3.72 -8.82 -9.06
N PRO B 227 -7.72 -9.01 -10.93
CA PRO B 227 -7.94 -10.38 -11.42
C PRO B 227 -7.41 -11.39 -10.42
N CYS B 228 -8.12 -12.51 -10.28
CA CYS B 228 -7.70 -13.53 -9.34
C CYS B 228 -6.47 -14.21 -9.85
N ILE B 229 -5.45 -14.33 -9.01
CA ILE B 229 -4.24 -15.09 -9.32
CA ILE B 229 -4.27 -15.08 -9.42
C ILE B 229 -4.57 -16.57 -9.25
N GLN B 230 -4.26 -17.32 -10.30
CA GLN B 230 -4.59 -18.72 -10.39
C GLN B 230 -3.35 -19.60 -10.36
N GLU B 231 -3.56 -20.85 -9.95
CA GLU B 231 -2.48 -21.83 -9.98
C GLU B 231 -1.82 -21.86 -11.34
N GLY B 232 -0.51 -21.64 -11.37
CA GLY B 232 0.26 -21.76 -12.59
C GLY B 232 0.51 -20.46 -13.30
N ASP B 233 -0.10 -19.37 -12.84
CA ASP B 233 0.22 -18.05 -13.38
C ASP B 233 1.66 -17.68 -13.21
N ILE B 234 2.13 -16.76 -14.05
CA ILE B 234 3.41 -16.12 -13.86
C ILE B 234 3.17 -14.73 -13.30
N LEU B 235 3.80 -14.43 -12.18
CA LEU B 235 3.67 -13.13 -11.56
C LEU B 235 4.69 -12.18 -12.15
N PHE B 236 4.22 -11.05 -12.65
CA PHE B 236 5.12 -9.97 -13.10
C PHE B 236 4.93 -8.83 -12.11
N ILE B 237 6.01 -8.40 -11.45
CA ILE B 237 5.93 -7.30 -10.49
C ILE B 237 7.10 -6.36 -10.68
N GLU B 238 6.86 -5.07 -10.47
CA GLU B 238 7.95 -4.09 -10.38
C GLU B 238 7.53 -3.04 -9.39
N ASP B 239 8.51 -2.50 -8.69
CA ASP B 239 8.38 -1.23 -8.01
C ASP B 239 9.50 -0.27 -8.44
N SER B 240 9.25 1.03 -8.26
CA SER B 240 10.14 2.06 -8.70
C SER B 240 10.21 3.14 -7.62
N SER B 241 11.42 3.62 -7.37
CA SER B 241 11.68 4.75 -6.51
C SER B 241 11.15 4.53 -5.08
N LYS B 242 11.30 3.31 -4.59
CA LYS B 242 10.94 2.98 -3.22
C LYS B 242 12.16 2.56 -2.43
N ASP B 243 11.94 2.06 -1.23
CA ASP B 243 13.03 1.66 -0.34
C ASP B 243 12.84 0.22 0.09
N ALA B 244 13.87 -0.29 0.75
CA ALA B 244 13.90 -1.68 1.20
C ALA B 244 12.73 -2.00 2.11
N ALA B 245 12.39 -1.10 3.03
CA ALA B 245 11.31 -1.35 3.98
C ALA B 245 9.99 -1.47 3.25
N THR B 246 9.74 -0.59 2.28
CA THR B 246 8.48 -0.62 1.56
C THR B 246 8.36 -1.93 0.76
N ILE B 247 9.42 -2.33 0.06
CA ILE B 247 9.27 -3.52 -0.77
C ILE B 247 9.23 -4.80 0.06
N GLU B 248 9.89 -4.85 1.23
CA GLU B 248 9.68 -6.02 2.09
C GLU B 248 8.20 -6.13 2.48
N ARG B 249 7.55 -5.02 2.79
N ARG B 249 7.59 -5.01 2.83
CA ARG B 249 6.13 -5.08 3.16
CA ARG B 249 6.17 -5.02 3.16
C ARG B 249 5.28 -5.56 1.99
C ARG B 249 5.37 -5.62 1.99
N SER B 250 5.62 -5.12 0.79
CA SER B 250 4.87 -5.56 -0.40
C SER B 250 5.13 -7.04 -0.73
N PHE B 251 6.37 -7.50 -0.60
CA PHE B 251 6.65 -8.91 -0.84
C PHE B 251 5.96 -9.80 0.21
N SER B 252 5.99 -9.41 1.48
CA SER B 252 5.27 -10.14 2.51
C SER B 252 3.76 -10.13 2.33
N PHE B 253 3.23 -9.05 1.80
CA PHE B 253 1.82 -8.94 1.44
C PHE B 253 1.46 -10.06 0.45
N LEU B 254 2.30 -10.27 -0.54
CA LEU B 254 2.06 -11.34 -1.50
C LEU B 254 2.14 -12.72 -0.82
N LYS B 255 3.19 -12.90 -0.02
CA LYS B 255 3.42 -14.15 0.68
C LYS B 255 2.24 -14.56 1.56
N ILE B 256 1.78 -13.64 2.40
CA ILE B 256 0.69 -13.98 3.34
C ILE B 256 -0.67 -14.16 2.63
N ASN B 257 -0.78 -13.66 1.40
CA ASN B 257 -1.93 -13.89 0.54
C ASN B 257 -1.86 -15.19 -0.24
N GLY B 258 -0.77 -15.93 -0.04
CA GLY B 258 -0.67 -17.23 -0.69
C GLY B 258 -0.30 -17.14 -2.18
N VAL B 259 0.13 -15.97 -2.64
CA VAL B 259 0.43 -15.80 -4.07
C VAL B 259 1.56 -16.74 -4.48
N PHE B 260 2.55 -16.93 -3.63
CA PHE B 260 3.71 -17.72 -3.98
C PHE B 260 3.42 -19.21 -3.91
N ASP B 261 2.29 -19.60 -3.32
CA ASP B 261 1.84 -20.97 -3.40
C ASP B 261 1.20 -21.29 -4.75
N LYS B 262 0.81 -20.27 -5.50
CA LYS B 262 0.10 -20.47 -6.76
C LYS B 262 0.98 -20.26 -7.99
N VAL B 263 1.84 -19.24 -7.99
CA VAL B 263 2.51 -18.88 -9.22
C VAL B 263 3.62 -19.85 -9.54
N SER B 264 3.89 -20.04 -10.82
CA SER B 264 4.91 -20.97 -11.29
CA SER B 264 4.92 -20.97 -11.25
C SER B 264 6.25 -20.31 -11.47
N GLY B 265 6.25 -18.99 -11.58
CA GLY B 265 7.47 -18.23 -11.80
C GLY B 265 7.21 -16.77 -11.54
N ILE B 266 8.29 -16.00 -11.38
CA ILE B 266 8.23 -14.57 -11.07
C ILE B 266 9.17 -13.82 -12.00
N ILE B 267 8.67 -12.75 -12.62
CA ILE B 267 9.46 -11.78 -13.36
C ILE B 267 9.45 -10.49 -12.55
N LEU B 268 10.63 -10.04 -12.15
CA LEU B 268 10.79 -8.83 -11.34
C LEU B 268 11.46 -7.74 -12.16
N GLY B 269 10.82 -6.59 -12.25
CA GLY B 269 11.39 -5.47 -12.96
C GLY B 269 12.59 -4.87 -12.26
N LYS B 270 13.39 -4.11 -12.99
CA LYS B 270 14.38 -3.23 -12.35
C LYS B 270 13.67 -2.30 -11.38
N HIS B 271 14.44 -1.81 -10.41
CA HIS B 271 13.90 -0.89 -9.40
C HIS B 271 14.61 0.46 -9.50
N GLU B 272 14.01 1.38 -10.24
CA GLU B 272 14.56 2.70 -10.46
C GLU B 272 14.94 3.35 -9.12
N GLN B 273 16.15 3.87 -9.04
CA GLN B 273 16.57 4.69 -7.90
C GLN B 273 16.27 4.01 -6.55
N PHE B 274 16.46 2.69 -6.47
CA PHE B 274 16.16 1.96 -5.24
C PHE B 274 16.99 2.48 -4.06
N ASP B 275 16.32 2.69 -2.93
CA ASP B 275 16.98 3.06 -1.68
C ASP B 275 17.11 1.80 -0.83
N ASP B 276 18.33 1.26 -0.71
CA ASP B 276 18.53 0.02 0.03
C ASP B 276 18.63 0.23 1.56
N CYS B 277 18.45 1.47 2.00
CA CYS B 277 18.43 1.80 3.43
C CYS B 277 19.76 1.46 4.12
N GLY B 278 20.84 1.40 3.36
CA GLY B 278 22.15 1.11 3.91
C GLY B 278 22.51 -0.36 3.93
N THR B 279 21.56 -1.22 3.56
CA THR B 279 21.76 -2.68 3.65
C THR B 279 22.69 -3.25 2.55
N ASN B 280 22.85 -2.55 1.44
CA ASN B 280 23.54 -3.08 0.26
C ASN B 280 22.84 -4.33 -0.31
N ARG B 281 21.57 -4.53 0.01
CA ARG B 281 20.79 -5.60 -0.58
C ARG B 281 20.10 -5.17 -1.85
N LYS B 282 19.97 -6.11 -2.77
CA LYS B 282 19.19 -5.91 -3.97
C LYS B 282 17.73 -6.28 -3.71
N PRO B 283 16.80 -5.68 -4.47
CA PRO B 283 15.40 -6.03 -4.27
C PRO B 283 15.13 -7.54 -4.33
N TYR B 284 15.76 -8.25 -5.27
CA TYR B 284 15.50 -9.69 -5.31
C TYR B 284 15.99 -10.44 -4.07
N GLU B 285 17.01 -9.91 -3.38
CA GLU B 285 17.52 -10.55 -2.16
C GLU B 285 16.49 -10.44 -1.03
N ILE B 286 15.78 -9.32 -0.99
CA ILE B 286 14.74 -9.14 0.00
C ILE B 286 13.55 -10.06 -0.30
N LEU B 287 13.16 -10.12 -1.57
CA LEU B 287 12.12 -11.05 -2.00
C LEU B 287 12.50 -12.49 -1.64
N LEU B 288 13.74 -12.90 -1.91
CA LEU B 288 14.14 -14.27 -1.58
C LEU B 288 14.09 -14.55 -0.08
N GLU B 289 14.39 -13.56 0.77
CA GLU B 289 14.23 -13.83 2.19
C GLU B 289 12.74 -14.08 2.50
N VAL B 290 11.85 -13.29 1.92
CA VAL B 290 10.41 -13.51 2.11
C VAL B 290 9.98 -14.89 1.63
N LEU B 291 10.57 -15.35 0.54
CA LEU B 291 10.25 -16.69 0.03
C LEU B 291 10.74 -17.83 0.92
N GLN B 292 11.71 -17.55 1.77
CA GLN B 292 12.23 -18.53 2.73
C GLN B 292 12.67 -19.80 1.98
N ASN B 293 12.11 -20.95 2.32
CA ASN B 293 12.58 -22.20 1.76
C ASN B 293 11.87 -22.63 0.48
N GLN B 294 11.01 -21.78 -0.05
CA GLN B 294 10.27 -22.07 -1.25
C GLN B 294 11.07 -21.69 -2.49
N ARG B 295 11.30 -22.66 -3.36
CA ARG B 295 12.02 -22.45 -4.61
C ARG B 295 11.05 -22.06 -5.74
N ILE B 296 11.28 -20.90 -6.35
CA ILE B 296 10.46 -20.45 -7.49
C ILE B 296 11.38 -19.83 -8.54
N PRO B 297 11.28 -20.29 -9.80
CA PRO B 297 12.10 -19.66 -10.84
C PRO B 297 11.83 -18.17 -10.90
N LEU B 298 12.91 -17.39 -11.01
CA LEU B 298 12.82 -15.94 -10.89
C LEU B 298 13.85 -15.27 -11.80
N LEU B 299 13.32 -14.41 -12.68
CA LEU B 299 14.09 -13.62 -13.60
C LEU B 299 13.93 -12.17 -13.18
N ALA B 300 15.04 -11.50 -12.84
CA ALA B 300 14.99 -10.14 -12.29
C ALA B 300 15.68 -9.12 -13.20
N ASP B 301 15.50 -7.87 -12.84
CA ASP B 301 16.00 -6.71 -13.61
C ASP B 301 15.39 -6.66 -15.02
N PHE B 302 14.14 -7.10 -15.14
CA PHE B 302 13.42 -7.03 -16.39
C PHE B 302 13.08 -5.57 -16.73
N ASP B 303 13.28 -5.18 -17.99
CA ASP B 303 13.10 -3.79 -18.43
C ASP B 303 11.66 -3.42 -18.77
N CYS B 304 10.80 -3.50 -17.76
CA CYS B 304 9.40 -3.14 -17.94
C CYS B 304 8.96 -2.46 -16.66
N CYS B 305 9.36 -1.20 -16.53
CA CYS B 305 9.28 -0.50 -15.26
C CYS B 305 9.65 0.96 -15.55
N ALA B 306 10.07 1.71 -14.54
CA ALA B 306 10.36 3.13 -14.74
C ALA B 306 11.75 3.41 -15.32
N THR B 307 12.62 2.40 -15.35
CA THR B 307 13.92 2.59 -15.99
C THR B 307 13.74 2.71 -17.52
N HIS B 308 14.73 3.27 -18.20
CA HIS B 308 14.69 3.43 -19.66
C HIS B 308 15.70 2.49 -20.29
N PRO B 309 15.35 1.79 -21.33
CA PRO B 309 14.09 1.89 -22.01
C PRO B 309 13.07 0.93 -21.48
N MSE B 310 11.86 1.01 -21.99
CA MSE B 310 10.79 0.16 -21.55
C MSE B 310 10.21 -0.71 -22.61
O MSE B 310 9.90 -0.25 -23.68
CB MSE B 310 9.69 1.08 -21.08
CG MSE B 310 8.71 0.40 -20.19
SE MSE B 310 7.23 1.61 -19.70
CE MSE B 310 6.57 0.22 -18.48
N ILE B 311 10.01 -1.96 -22.24
CA ILE B 311 9.36 -2.96 -23.04
C ILE B 311 7.85 -2.78 -22.89
N THR B 312 7.08 -3.10 -23.92
CA THR B 312 5.62 -3.21 -23.80
C THR B 312 5.22 -4.67 -23.59
N MSE B 313 4.58 -4.95 -22.46
CA MSE B 313 4.24 -6.31 -22.07
C MSE B 313 2.71 -6.49 -22.04
O MSE B 313 2.03 -5.81 -21.29
CB MSE B 313 4.79 -6.55 -20.67
CG MSE B 313 4.71 -7.96 -20.20
SE MSE B 313 6.05 -8.99 -21.15
CE MSE B 313 5.32 -10.62 -20.45
N PRO B 314 2.16 -7.44 -22.82
CA PRO B 314 0.76 -7.77 -22.67
C PRO B 314 0.54 -8.46 -21.32
N ILE B 315 -0.59 -8.16 -20.69
CA ILE B 315 -1.02 -8.77 -19.45
C ILE B 315 -2.27 -9.60 -19.72
N GLY B 316 -2.31 -10.80 -19.16
CA GLY B 316 -3.46 -11.68 -19.28
C GLY B 316 -3.35 -12.75 -20.36
N VAL B 317 -2.15 -12.89 -20.93
CA VAL B 317 -1.90 -13.91 -21.94
C VAL B 317 -0.76 -14.83 -21.50
N GLN B 318 -0.73 -16.02 -22.10
CA GLN B 318 0.29 -17.01 -21.75
C GLN B 318 1.67 -16.60 -22.21
N VAL B 319 2.63 -16.85 -21.33
CA VAL B 319 4.02 -16.57 -21.54
C VAL B 319 4.85 -17.75 -21.08
N LYS B 320 6.02 -17.96 -21.68
CA LYS B 320 7.02 -18.87 -21.14
C LYS B 320 8.20 -18.03 -20.68
N MSE B 321 8.59 -18.25 -19.43
CA MSE B 321 9.77 -17.61 -18.88
C MSE B 321 10.80 -18.66 -18.60
O MSE B 321 10.49 -19.71 -18.00
CB MSE B 321 9.39 -16.91 -17.58
CG MSE B 321 9.01 -17.91 -16.50
SE MSE B 321 8.78 -16.98 -14.78
CE MSE B 321 10.54 -16.08 -14.72
N ASP B 322 12.04 -18.39 -19.02
CA ASP B 322 13.16 -19.29 -18.77
C ASP B 322 14.12 -18.47 -17.95
N ALA B 323 14.11 -18.68 -16.65
CA ALA B 323 15.01 -17.92 -15.78
C ALA B 323 16.45 -18.34 -15.92
N THR B 324 16.69 -19.60 -16.25
CA THR B 324 18.04 -20.09 -16.45
C THR B 324 18.72 -19.42 -17.62
N ASN B 325 18.02 -19.34 -18.74
CA ASN B 325 18.57 -18.78 -19.97
C ASN B 325 18.15 -17.34 -20.22
N LYS B 326 17.37 -16.79 -19.31
CA LYS B 326 16.99 -15.38 -19.33
C LYS B 326 16.22 -15.02 -20.60
N THR B 327 15.15 -15.76 -20.85
CA THR B 327 14.26 -15.47 -21.97
C THR B 327 12.80 -15.39 -21.54
N ILE B 328 12.07 -14.57 -22.28
CA ILE B 328 10.62 -14.44 -22.13
C ILE B 328 9.99 -14.47 -23.51
N HIS B 329 9.07 -15.38 -23.71
CA HIS B 329 8.32 -15.48 -24.96
C HIS B 329 6.84 -15.36 -24.70
N ILE B 330 6.13 -14.62 -25.55
CA ILE B 330 4.67 -14.53 -25.46
C ILE B 330 4.11 -15.65 -26.36
N LEU B 331 3.17 -16.45 -25.84
CA LEU B 331 2.72 -17.67 -26.49
C LEU B 331 1.34 -17.62 -27.11
N GLU B 332 0.58 -16.57 -26.83
CA GLU B 332 -0.80 -16.45 -27.25
C GLU B 332 -1.03 -15.05 -27.85
N LYS B 333 -1.90 -14.92 -28.83
CA LYS B 333 -2.19 -13.61 -29.43
C LYS B 333 -2.68 -12.61 -28.41
N TRP B 334 -2.27 -11.36 -28.59
CA TRP B 334 -2.73 -10.28 -27.71
C TRP B 334 -3.39 -9.14 -28.47
N LYS B 335 -3.48 -9.25 -29.80
CA LYS B 335 -4.12 -8.27 -30.66
C LYS B 335 -4.50 -8.97 -31.97
N ILE B 336 -5.37 -8.34 -32.75
CA ILE B 336 -5.77 -8.92 -34.04
C ILE B 336 -5.52 -7.98 -35.21
C DSZ C . 4.39 3.56 11.37
N DSZ C . 4.10 4.96 9.45
O DSZ C . 4.64 2.39 11.61
N1 DSZ C . 11.26 11.37 15.20
C2 DSZ C . 10.12 11.89 15.66
N3 DSZ C . 9.02 11.15 15.75
C4 DSZ C . 9.09 9.86 15.38
C5 DSZ C . 10.30 9.23 14.87
C6 DSZ C . 11.47 10.11 14.80
N6 DSZ C . 12.67 9.68 14.35
N7 DSZ C . 10.03 7.94 14.59
C8 DSZ C . 8.72 7.77 14.90
N9 DSZ C . 8.19 8.92 15.36
CA DSZ C . 3.47 3.91 10.24
CB DSZ C . 3.17 2.73 9.34
CG DSZ C . 2.45 3.15 8.08
C1' DSZ C . 6.82 9.12 15.80
C2' DSZ C . 5.90 9.72 14.78
O2' DSZ C . 4.85 10.44 15.42
C3' DSZ C . 5.35 8.50 14.10
O3' DSZ C . 4.12 8.80 13.44
C4' DSZ C . 5.09 7.64 15.33
O4' DSZ C . 6.23 7.87 16.17
C5' DSZ C . 4.98 6.17 15.04
O5' DSZ C . 6.13 5.76 14.31
NAT DSZ C . 4.91 4.60 12.13
OAX DSZ C . 5.41 3.40 14.21
OAY DSZ C . 7.22 4.11 12.82
SBE DSZ C . 5.89 4.50 13.35
OD1 DSZ C . 2.17 2.27 7.25
OD2 DSZ C . 2.16 4.36 7.92
C DSZ D . 3.79 6.07 -10.08
N DSZ D . 5.07 5.74 -8.08
O DSZ D . 2.62 6.14 -10.43
N1 DSZ D . 10.91 14.32 -12.49
C2 DSZ D . 11.64 13.32 -12.98
N3 DSZ D . 11.11 12.12 -13.25
C4 DSZ D . 9.80 11.90 -13.04
C5 DSZ D . 8.92 12.94 -12.51
C6 DSZ D . 9.58 14.20 -12.26
N6 DSZ D . 8.87 15.24 -11.75
N7 DSZ D . 7.68 12.49 -12.38
C8 DSZ D . 7.74 11.22 -12.82
N9 DSZ D . 9.00 10.86 -13.11
CA DSZ D . 4.14 5.10 -8.98
CB DSZ D . 2.95 4.64 -8.20
CG DSZ D . 3.40 3.79 -7.00
C1' DSZ D . 9.38 9.60 -13.74
C2' DSZ D . 10.01 8.76 -12.69
O2' DSZ D . 11.00 7.92 -13.29
C3' DSZ D . 8.86 7.91 -12.14
O3' DSZ D . 9.35 6.68 -11.60
C4' DSZ D . 8.11 7.68 -13.43
O4' DSZ D . 8.22 8.89 -14.18
C5' DSZ D . 6.67 7.32 -13.21
O5' DSZ D . 6.00 8.28 -12.41
NAT DSZ D . 4.74 6.86 -10.72
OAX DSZ D . 3.77 7.39 -12.98
OAY DSZ D . 3.96 9.16 -11.35
SBE DSZ D . 4.60 7.94 -11.88
OD1 DSZ D . 2.49 3.40 -6.23
OD2 DSZ D . 4.62 3.48 -6.79
S SO4 E . -7.41 -23.91 -21.32
O1 SO4 E . -7.43 -24.84 -22.45
O2 SO4 E . -8.25 -24.48 -20.27
O3 SO4 E . -6.02 -23.77 -20.88
O4 SO4 E . -7.93 -22.61 -21.73
S SO4 F . 21.47 9.86 -10.68
O1 SO4 F . 20.82 8.56 -10.75
O2 SO4 F . 20.85 10.77 -11.64
O3 SO4 F . 21.32 10.42 -9.33
O4 SO4 F . 22.88 9.71 -10.98
S SO4 G . 17.36 -25.75 -15.82
O1 SO4 G . 18.52 -26.58 -16.20
O2 SO4 G . 16.21 -26.61 -15.49
O3 SO4 G . 17.72 -24.92 -14.63
O4 SO4 G . 17.00 -24.85 -16.95
#